data_7SP6
#
_entry.id   7SP6
#
_cell.length_a   1.00
_cell.length_b   1.00
_cell.length_c   1.00
_cell.angle_alpha   90.00
_cell.angle_beta   90.00
_cell.angle_gamma   90.00
#
_symmetry.space_group_name_H-M   'P 1'
#
loop_
_entity.id
_entity.type
_entity.pdbx_description
1 polymer 'Hyaluronan synthase'
2 polymer 'Nanobody 872'
3 polymer 'Nanobody 881'
4 non-polymer 'CHOLESTEROL HEMISUCCINATE'
5 non-polymer 'MANGANESE (II) ION'
6 non-polymer 1,2-Distearoyl-sn-glycerophosphoethanolamine
#
loop_
_entity_poly.entity_id
_entity_poly.type
_entity_poly.pdbx_seq_one_letter_code
_entity_poly.pdbx_strand_id
1 'polypeptide(L)'
;MGTSWRTIVSANLFAVGGALLMLAPAIVGYVFQWNIGVSAVWGISVYGVFVLGFYIAQIVFSEFNRMRLSDWISLRPDNW
NATRVAVIIAGYREDPFMFKKCLESVRDSEYGNVARLICVIDGDEEEDLKMAEIYKQVYNDNVKKPGVVLCESENKNGST
IDSDVSKNICILQPHRGKRESLYTGFQLASMDPSVHAVVLIDSDTVLEKNAILEVVYPLSCDPNIKAVAGECKIWNTDTI
LSMLVSWRYFSAFNVERGAQSLWKTVQCVGGPLGAYTIDIINEIKDPWITQTFLGNKCTYGDNRRLTNEVLMRGKKIVYT
PFAVGWSDSPTNVMRYIVQQTRWSKSWCREIWYTLGSAWKHGFSGIYLAFECMYQIMYFFLVMYLFSYIAIKADIRAQTA
TVLVSTLVTIIKSSYLALRAKNLKAFYFVLYTYVYFFCMIPARITAMFTMFDIAWGTRGGNAKMTIGARVWLWAKQFLIT
YMWWAGVLAAGVYSIVDNWYFDWADIQYRFALVGICSYLVFVSIVLVIYLIGKITTWNYTPLQKELIEERYLHNASENAP
EVLEHHHHHH
;
A
2 'polypeptide(L)'
;QVQLVESGGGLVQAGGSLKVSCAASGRAFKTYRMAWFRQAPGKEREFVSGISALETTYYADSVKGRFTISRDNTKNTVSL
QMDSLKPEDTAVYYCAARRYGGTDYTTTGSYDYWGQGTQVTVSSHHHHHHEPEA
;
B
3 'polypeptide(L)'
;QVQLVESGGGLVQAGGSLRLACAASGRIFSSDTLAWFRRAPGKEREFVAASRWSGGGTDYADSVKGRFTFSRDNTRNTMC
LEMNSLKPEDTAVYYCALRTARDSYYYTRNPTGYDYWGQGTQVTVSSHHHHHHEPEA
;
C
#
loop_
_chem_comp.id
_chem_comp.type
_chem_comp.name
_chem_comp.formula
3PE non-polymer 1,2-Distearoyl-sn-glycerophosphoethanolamine 'C41 H82 N O8 P'
MN non-polymer 'MANGANESE (II) ION' 'Mn 2'
Y01 non-polymer 'CHOLESTEROL HEMISUCCINATE' 'C31 H50 O4'
#
# COMPACT_ATOMS: atom_id res chain seq x y z
N SER A 39 -30.91 15.30 -0.67
CA SER A 39 -30.69 13.93 -1.10
C SER A 39 -29.21 13.68 -1.41
N ALA A 40 -28.74 14.29 -2.50
CA ALA A 40 -27.34 14.13 -2.88
C ALA A 40 -26.41 14.72 -1.83
N VAL A 41 -26.76 15.90 -1.29
CA VAL A 41 -25.92 16.52 -0.27
C VAL A 41 -25.93 15.68 1.01
N TRP A 42 -27.09 15.13 1.37
CA TRP A 42 -27.16 14.27 2.54
C TRP A 42 -26.30 13.02 2.36
N GLY A 43 -26.36 12.42 1.17
CA GLY A 43 -25.54 11.25 0.90
C GLY A 43 -24.05 11.56 0.95
N ILE A 44 -23.66 12.71 0.38
CA ILE A 44 -22.26 13.11 0.43
C ILE A 44 -21.82 13.33 1.87
N SER A 45 -22.67 13.98 2.68
CA SER A 45 -22.33 14.25 4.06
C SER A 45 -22.17 12.95 4.86
N VAL A 46 -23.10 12.01 4.69
CA VAL A 46 -22.99 10.76 5.45
C VAL A 46 -21.80 9.95 4.96
N TYR A 47 -21.52 9.96 3.66
CA TYR A 47 -20.31 9.31 3.14
C TYR A 47 -19.06 9.88 3.80
N GLY A 48 -18.94 11.20 3.81
CA GLY A 48 -17.76 11.82 4.39
C GLY A 48 -17.62 11.54 5.88
N VAL A 49 -18.73 11.64 6.63
CA VAL A 49 -18.65 11.45 8.07
C VAL A 49 -18.34 9.99 8.39
N PHE A 50 -18.91 9.04 7.63
CA PHE A 50 -18.60 7.64 7.87
C PHE A 50 -17.15 7.33 7.55
N VAL A 51 -16.63 7.86 6.43
CA VAL A 51 -15.23 7.61 6.09
C VAL A 51 -14.31 8.21 7.15
N LEU A 52 -14.59 9.44 7.59
CA LEU A 52 -13.77 10.07 8.60
C LEU A 52 -13.81 9.30 9.93
N GLY A 53 -15.00 8.86 10.34
CA GLY A 53 -15.10 8.11 11.58
C GLY A 53 -14.37 6.79 11.54
N PHE A 54 -14.52 6.05 10.43
CA PHE A 54 -13.81 4.79 10.30
C PHE A 54 -12.30 4.99 10.27
N TYR A 55 -11.84 6.03 9.56
CA TYR A 55 -10.40 6.30 9.51
C TYR A 55 -9.87 6.68 10.89
N ILE A 56 -10.62 7.48 11.63
CA ILE A 56 -10.19 7.87 12.97
C ILE A 56 -10.14 6.66 13.89
N ALA A 57 -11.15 5.79 13.82
CA ALA A 57 -11.15 4.58 14.64
C ALA A 57 -9.97 3.68 14.30
N GLN A 58 -9.69 3.51 13.01
CA GLN A 58 -8.55 2.70 12.59
C GLN A 58 -7.23 3.30 13.06
N ILE A 59 -7.11 4.63 12.99
CA ILE A 59 -5.91 5.31 13.48
C ILE A 59 -5.73 5.06 14.97
N VAL A 60 -6.82 5.18 15.74
CA VAL A 60 -6.75 4.94 17.18
C VAL A 60 -6.34 3.51 17.48
N PHE A 61 -6.92 2.55 16.75
CA PHE A 61 -6.57 1.15 16.95
C PHE A 61 -5.10 0.89 16.62
N SER A 62 -4.62 1.45 15.51
CA SER A 62 -3.22 1.27 15.14
C SER A 62 -2.28 1.89 16.16
N GLU A 63 -2.64 3.07 16.69
CA GLU A 63 -1.81 3.71 17.70
C GLU A 63 -1.78 2.89 18.99
N PHE A 64 -2.93 2.33 19.39
CA PHE A 64 -2.96 1.49 20.58
C PHE A 64 -2.12 0.24 20.39
N ASN A 65 -2.21 -0.39 19.21
CA ASN A 65 -1.40 -1.57 18.94
C ASN A 65 0.09 -1.22 18.95
N ARG A 66 0.46 -0.08 18.38
CA ARG A 66 1.86 0.32 18.37
C ARG A 66 2.36 0.59 19.79
N MET A 67 1.53 1.22 20.63
CA MET A 67 1.92 1.45 22.02
C MET A 67 2.10 0.13 22.76
N ARG A 68 1.20 -0.83 22.54
CA ARG A 68 1.33 -2.13 23.18
C ARG A 68 2.60 -2.84 22.74
N LEU A 69 2.90 -2.79 21.43
CA LEU A 69 4.12 -3.42 20.93
C LEU A 69 5.36 -2.74 21.49
N SER A 70 5.34 -1.41 21.61
CA SER A 70 6.48 -0.71 22.19
C SER A 70 6.67 -1.09 23.66
N ASP A 71 5.56 -1.22 24.40
CA ASP A 71 5.66 -1.66 25.79
C ASP A 71 6.22 -3.07 25.88
N TRP A 72 5.81 -3.96 24.97
CA TRP A 72 6.36 -5.31 24.95
C TRP A 72 7.85 -5.30 24.64
N ILE A 73 8.26 -4.45 23.68
CA ILE A 73 9.68 -4.38 23.31
C ILE A 73 10.51 -3.83 24.45
N SER A 74 9.95 -2.88 25.22
CA SER A 74 10.70 -2.28 26.32
C SER A 74 11.14 -3.31 27.36
N LEU A 75 10.44 -4.43 27.46
CA LEU A 75 10.80 -5.50 28.40
C LEU A 75 11.67 -6.59 27.78
N ARG A 76 12.05 -6.43 26.51
CA ARG A 76 12.84 -7.45 25.83
C ARG A 76 14.27 -7.49 26.38
N PRO A 77 14.74 -8.64 26.85
CA PRO A 77 16.13 -8.72 27.31
C PRO A 77 17.12 -8.63 26.15
N ASP A 78 18.33 -8.16 26.47
CA ASP A 78 19.36 -8.04 25.45
C ASP A 78 19.85 -9.42 25.01
N ASN A 79 20.19 -9.52 23.72
CA ASN A 79 20.71 -10.76 23.14
C ASN A 79 19.71 -11.92 23.33
N TRP A 80 18.47 -11.67 22.97
CA TRP A 80 17.42 -12.68 23.11
C TRP A 80 17.43 -13.61 21.91
N ASN A 81 17.69 -14.90 22.16
CA ASN A 81 17.71 -15.92 21.11
C ASN A 81 17.01 -17.18 21.59
N ALA A 82 15.87 -17.02 22.26
CA ALA A 82 15.17 -18.18 22.81
C ALA A 82 14.61 -19.08 21.72
N THR A 83 14.08 -18.51 20.65
CA THR A 83 13.41 -19.27 19.60
C THR A 83 14.31 -19.38 18.39
N ARG A 84 14.45 -20.59 17.87
CA ARG A 84 15.23 -20.84 16.66
C ARG A 84 14.46 -20.40 15.43
N VAL A 85 15.20 -20.05 14.38
CA VAL A 85 14.62 -19.56 13.14
C VAL A 85 15.10 -20.43 11.99
N ALA A 86 14.16 -20.88 11.16
CA ALA A 86 14.47 -21.66 9.96
C ALA A 86 13.98 -20.85 8.76
N VAL A 87 14.91 -20.20 8.07
CA VAL A 87 14.58 -19.32 6.95
C VAL A 87 14.27 -20.18 5.72
N ILE A 88 13.11 -19.93 5.12
CA ILE A 88 12.68 -20.61 3.91
C ILE A 88 12.47 -19.58 2.82
N ILE A 89 13.12 -19.78 1.67
CA ILE A 89 13.06 -18.87 0.54
C ILE A 89 12.51 -19.61 -0.66
N ALA A 90 11.49 -19.05 -1.30
CA ALA A 90 10.90 -19.63 -2.49
C ALA A 90 10.66 -18.53 -3.52
N GLY A 91 10.67 -18.91 -4.79
CA GLY A 91 10.45 -17.94 -5.85
C GLY A 91 10.50 -18.62 -7.20
N TYR A 92 10.25 -17.82 -8.24
CA TYR A 92 10.26 -18.30 -9.62
C TYR A 92 10.61 -17.14 -10.53
N ARG A 93 11.50 -17.40 -11.50
CA ARG A 93 11.95 -16.39 -12.46
C ARG A 93 12.50 -15.15 -11.75
N GLU A 94 13.25 -15.38 -10.68
CA GLU A 94 13.82 -14.28 -9.92
C GLU A 94 14.97 -13.65 -10.68
N ASP A 95 15.07 -12.32 -10.59
CA ASP A 95 16.18 -11.61 -11.21
C ASP A 95 17.49 -11.99 -10.53
N PRO A 96 18.55 -12.26 -11.30
CA PRO A 96 19.83 -12.63 -10.68
C PRO A 96 20.35 -11.60 -9.69
N PHE A 97 20.30 -10.32 -10.05
CA PHE A 97 20.72 -9.27 -9.13
C PHE A 97 19.83 -9.21 -7.90
N MET A 98 18.52 -9.31 -8.10
CA MET A 98 17.59 -9.29 -6.97
C MET A 98 17.79 -10.51 -6.08
N PHE A 99 18.02 -11.68 -6.67
CA PHE A 99 18.26 -12.88 -5.87
C PHE A 99 19.55 -12.76 -5.07
N LYS A 100 20.62 -12.24 -5.69
CA LYS A 100 21.87 -12.04 -4.97
C LYS A 100 21.70 -11.05 -3.84
N LYS A 101 20.97 -9.96 -4.08
CA LYS A 101 20.74 -8.97 -3.03
C LYS A 101 19.93 -9.56 -1.89
N CYS A 102 18.92 -10.38 -2.20
CA CYS A 102 18.14 -11.02 -1.16
C CYS A 102 18.98 -11.99 -0.35
N LEU A 103 19.85 -12.75 -1.01
CA LEU A 103 20.74 -13.66 -0.29
C LEU A 103 21.69 -12.90 0.61
N GLU A 104 22.24 -11.79 0.13
CA GLU A 104 23.11 -10.97 0.97
C GLU A 104 22.34 -10.41 2.16
N SER A 105 21.10 -9.95 1.93
CA SER A 105 20.31 -9.38 3.01
C SER A 105 19.99 -10.41 4.08
N VAL A 106 19.57 -11.61 3.69
CA VAL A 106 19.28 -12.63 4.70
C VAL A 106 20.55 -13.07 5.39
N ARG A 107 21.68 -13.14 4.67
CA ARG A 107 22.95 -13.46 5.31
C ARG A 107 23.38 -12.38 6.29
N ASP A 108 23.12 -11.10 5.95
CA ASP A 108 23.49 -10.01 6.83
C ASP A 108 22.61 -9.90 8.08
N SER A 109 21.51 -10.66 8.14
CA SER A 109 20.65 -10.62 9.31
C SER A 109 21.38 -11.12 10.54
N GLU A 110 21.24 -10.38 11.64
CA GLU A 110 21.92 -10.70 12.89
C GLU A 110 20.93 -11.36 13.85
N TYR A 111 21.28 -12.55 14.31
CA TYR A 111 20.46 -13.27 15.27
C TYR A 111 21.35 -14.18 16.11
N GLY A 112 20.84 -14.57 17.28
CA GLY A 112 21.62 -15.40 18.18
C GLY A 112 21.92 -16.78 17.60
N ASN A 113 20.91 -17.42 17.00
CA ASN A 113 21.09 -18.75 16.45
C ASN A 113 20.10 -18.98 15.31
N VAL A 114 20.59 -19.49 14.19
CA VAL A 114 19.76 -19.86 13.05
C VAL A 114 20.02 -21.33 12.75
N ALA A 115 18.94 -22.12 12.67
CA ALA A 115 19.07 -23.54 12.45
C ALA A 115 19.65 -23.84 11.08
N ARG A 116 19.05 -23.26 10.03
CA ARG A 116 19.48 -23.49 8.66
C ARG A 116 18.76 -22.50 7.76
N LEU A 117 19.18 -22.46 6.50
CA LEU A 117 18.53 -21.66 5.47
C LEU A 117 18.08 -22.62 4.36
N ILE A 118 16.81 -22.54 4.00
CA ILE A 118 16.23 -23.42 3.00
C ILE A 118 15.83 -22.59 1.78
N CYS A 119 16.36 -22.96 0.62
CA CYS A 119 16.04 -22.29 -0.64
C CYS A 119 15.35 -23.29 -1.55
N VAL A 120 14.15 -22.95 -2.00
CA VAL A 120 13.35 -23.80 -2.87
C VAL A 120 13.13 -23.06 -4.18
N ILE A 121 13.44 -23.71 -5.29
CA ILE A 121 13.33 -23.12 -6.62
C ILE A 121 12.23 -23.85 -7.38
N ASP A 122 11.28 -23.09 -7.92
CA ASP A 122 10.10 -23.68 -8.54
C ASP A 122 10.46 -24.48 -9.79
N GLY A 123 11.37 -23.97 -10.61
CA GLY A 123 11.72 -24.59 -11.87
C GLY A 123 13.05 -25.30 -11.81
N ASP A 124 13.20 -26.33 -12.64
CA ASP A 124 14.44 -27.10 -12.74
C ASP A 124 14.97 -27.16 -14.17
N GLU A 125 14.51 -26.25 -15.04
CA GLU A 125 14.95 -26.25 -16.42
C GLU A 125 16.40 -25.78 -16.52
N GLU A 126 16.97 -25.92 -17.72
CA GLU A 126 18.36 -25.54 -17.94
C GLU A 126 18.57 -24.05 -17.67
N GLU A 127 17.63 -23.21 -18.11
CA GLU A 127 17.72 -21.78 -17.83
C GLU A 127 17.49 -21.46 -16.36
N ASP A 128 16.90 -22.38 -15.59
CA ASP A 128 16.66 -22.16 -14.17
C ASP A 128 17.90 -22.41 -13.31
N LEU A 129 18.95 -23.01 -13.88
CA LEU A 129 20.17 -23.26 -13.11
C LEU A 129 20.97 -21.99 -12.83
N LYS A 130 20.62 -20.87 -13.44
CA LYS A 130 21.37 -19.64 -13.20
C LYS A 130 21.26 -19.22 -11.73
N MET A 131 20.03 -19.20 -11.20
CA MET A 131 19.87 -18.82 -9.80
C MET A 131 20.42 -19.87 -8.85
N ALA A 132 20.41 -21.15 -9.25
CA ALA A 132 21.04 -22.18 -8.44
C ALA A 132 22.55 -21.98 -8.36
N GLU A 133 23.18 -21.62 -9.48
CA GLU A 133 24.61 -21.32 -9.48
C GLU A 133 24.90 -20.06 -8.68
N ILE A 134 24.00 -19.07 -8.75
CA ILE A 134 24.16 -17.87 -7.92
C ILE A 134 24.12 -18.24 -6.44
N TYR A 135 23.24 -19.17 -6.08
CA TYR A 135 23.20 -19.66 -4.70
C TYR A 135 24.52 -20.32 -4.32
N LYS A 136 25.14 -21.04 -5.27
CA LYS A 136 26.43 -21.65 -5.01
C LYS A 136 27.53 -20.62 -4.81
N GLN A 137 27.36 -19.40 -5.32
CA GLN A 137 28.33 -18.35 -5.08
C GLN A 137 28.23 -17.79 -3.67
N VAL A 138 27.02 -17.76 -3.10
CA VAL A 138 26.82 -17.22 -1.76
C VAL A 138 26.90 -18.33 -0.71
N TYR A 139 26.38 -19.51 -1.00
CA TYR A 139 26.38 -20.60 -0.05
C TYR A 139 27.02 -21.85 -0.64
N ASN A 140 26.94 -22.97 0.08
CA ASN A 140 27.56 -24.20 -0.38
C ASN A 140 26.81 -24.79 -1.58
N ASP A 141 27.52 -25.59 -2.36
CA ASP A 141 26.96 -26.25 -3.54
C ASP A 141 26.26 -27.54 -3.11
N ASN A 142 24.99 -27.41 -2.75
CA ASN A 142 24.17 -28.51 -2.27
C ASN A 142 22.81 -28.51 -2.95
N VAL A 143 22.81 -28.41 -4.28
CA VAL A 143 21.56 -28.34 -5.03
C VAL A 143 20.76 -29.63 -4.86
N LYS A 144 21.41 -30.78 -5.03
CA LYS A 144 20.83 -32.11 -4.78
C LYS A 144 19.43 -32.22 -5.39
N LYS A 145 19.40 -32.18 -6.72
CA LYS A 145 18.15 -32.15 -7.47
C LYS A 145 17.27 -33.34 -7.11
N PRO A 146 16.07 -33.11 -6.56
CA PRO A 146 15.17 -34.24 -6.26
C PRO A 146 14.66 -34.89 -7.52
N GLY A 147 14.36 -36.19 -7.40
CA GLY A 147 13.81 -36.92 -8.54
C GLY A 147 12.41 -36.45 -8.91
N VAL A 148 11.59 -36.17 -7.91
CA VAL A 148 10.20 -35.76 -8.14
C VAL A 148 9.76 -34.91 -6.96
N VAL A 149 8.79 -34.02 -7.21
CA VAL A 149 8.27 -33.17 -6.15
C VAL A 149 7.59 -34.03 -5.08
N LEU A 150 7.77 -33.62 -3.83
CA LEU A 150 7.35 -34.42 -2.68
C LEU A 150 5.85 -34.34 -2.42
N CYS A 151 5.14 -33.39 -3.03
CA CYS A 151 3.74 -33.17 -2.69
C CYS A 151 2.89 -34.41 -2.99
N GLU A 152 3.07 -34.99 -4.17
CA GLU A 152 2.33 -36.20 -4.54
C GLU A 152 3.11 -37.48 -4.27
N SER A 153 4.29 -37.37 -3.67
CA SER A 153 5.07 -38.55 -3.33
C SER A 153 4.36 -39.36 -2.24
N GLU A 154 4.54 -40.68 -2.30
CA GLU A 154 3.90 -41.56 -1.32
C GLU A 154 4.42 -41.28 0.09
N ASN A 155 5.72 -41.06 0.24
CA ASN A 155 6.33 -40.75 1.52
C ASN A 155 6.49 -39.24 1.67
N LYS A 156 5.64 -38.64 2.49
CA LYS A 156 5.67 -37.19 2.72
C LYS A 156 6.58 -36.89 3.91
N ASN A 157 7.86 -37.25 3.74
CA ASN A 157 8.88 -37.01 4.74
C ASN A 157 10.06 -36.29 4.10
N GLY A 158 10.59 -35.29 4.80
CA GLY A 158 11.69 -34.51 4.26
C GLY A 158 13.02 -35.25 4.24
N SER A 159 13.14 -36.33 5.01
CA SER A 159 14.39 -37.08 5.05
C SER A 159 14.65 -37.88 3.79
N THR A 160 13.64 -38.04 2.92
CA THR A 160 13.85 -38.79 1.68
C THR A 160 14.84 -38.10 0.76
N ILE A 161 14.76 -36.77 0.67
CA ILE A 161 15.62 -36.00 -0.23
C ILE A 161 16.72 -35.26 0.51
N ASP A 162 16.73 -35.30 1.83
CA ASP A 162 17.73 -34.60 2.63
C ASP A 162 18.43 -35.60 3.55
N SER A 163 19.76 -35.53 3.58
CA SER A 163 20.58 -36.40 4.42
C SER A 163 21.16 -35.69 5.64
N ASP A 164 21.63 -34.45 5.48
CA ASP A 164 22.23 -33.69 6.56
C ASP A 164 21.42 -32.41 6.79
N VAL A 165 21.20 -32.09 8.07
CA VAL A 165 20.39 -30.92 8.42
C VAL A 165 21.22 -29.65 8.50
N SER A 166 22.54 -29.75 8.64
CA SER A 166 23.40 -28.58 8.81
C SER A 166 24.07 -28.14 7.51
N LYS A 167 23.74 -28.78 6.39
CA LYS A 167 24.41 -28.49 5.12
C LYS A 167 23.70 -27.43 4.28
N ASN A 168 22.57 -26.90 4.74
CA ASN A 168 21.80 -25.89 4.02
C ASN A 168 21.46 -26.36 2.61
N ILE A 169 20.65 -27.43 2.55
CA ILE A 169 20.31 -28.06 1.28
C ILE A 169 19.46 -27.11 0.43
N CYS A 170 19.67 -27.19 -0.88
CA CYS A 170 18.87 -26.47 -1.85
C CYS A 170 17.88 -27.42 -2.52
N ILE A 171 16.88 -26.85 -3.18
CA ILE A 171 15.79 -27.61 -3.80
C ILE A 171 15.64 -27.16 -5.25
N LEU A 172 15.61 -28.13 -6.16
CA LEU A 172 15.37 -27.89 -7.59
C LEU A 172 14.29 -28.88 -8.04
N GLN A 173 13.04 -28.50 -7.88
CA GLN A 173 11.89 -29.32 -8.22
C GLN A 173 11.33 -28.92 -9.58
N PRO A 174 10.62 -29.83 -10.26
CA PRO A 174 9.97 -29.47 -11.51
C PRO A 174 8.89 -28.42 -11.30
N HIS A 175 8.66 -27.63 -12.34
CA HIS A 175 7.67 -26.55 -12.29
C HIS A 175 6.28 -27.15 -12.22
N ARG A 176 5.66 -27.11 -11.04
CA ARG A 176 4.33 -27.65 -10.84
C ARG A 176 3.48 -26.74 -9.96
N GLY A 177 3.85 -25.48 -9.84
CA GLY A 177 3.10 -24.53 -9.04
C GLY A 177 3.91 -24.02 -7.86
N LYS A 178 3.72 -22.75 -7.53
CA LYS A 178 4.45 -22.14 -6.42
C LYS A 178 4.01 -22.71 -5.07
N ARG A 179 2.76 -23.19 -4.98
CA ARG A 179 2.28 -23.79 -3.74
C ARG A 179 3.06 -25.03 -3.39
N GLU A 180 3.39 -25.85 -4.41
CA GLU A 180 4.15 -27.07 -4.17
C GLU A 180 5.56 -26.77 -3.67
N SER A 181 6.13 -25.64 -4.07
CA SER A 181 7.48 -25.29 -3.64
C SER A 181 7.54 -25.05 -2.14
N LEU A 182 6.53 -24.37 -1.58
CA LEU A 182 6.54 -24.07 -0.15
C LEU A 182 6.40 -25.33 0.69
N TYR A 183 5.69 -26.34 0.19
CA TYR A 183 5.50 -27.57 0.96
C TYR A 183 6.82 -28.29 1.19
N THR A 184 7.69 -28.32 0.17
CA THR A 184 8.98 -28.96 0.32
C THR A 184 9.83 -28.26 1.37
N GLY A 185 9.85 -26.93 1.36
CA GLY A 185 10.58 -26.20 2.39
C GLY A 185 10.00 -26.40 3.77
N PHE A 186 8.67 -26.47 3.87
CA PHE A 186 8.02 -26.74 5.15
C PHE A 186 8.40 -28.11 5.68
N GLN A 187 8.44 -29.12 4.80
CA GLN A 187 8.87 -30.44 5.21
C GLN A 187 10.34 -30.44 5.65
N LEU A 188 11.19 -29.71 4.92
CA LEU A 188 12.60 -29.64 5.29
C LEU A 188 12.79 -28.99 6.65
N ALA A 189 12.02 -27.94 6.94
CA ALA A 189 12.15 -27.28 8.23
C ALA A 189 11.55 -28.11 9.36
N SER A 190 10.55 -28.94 9.06
CA SER A 190 9.82 -29.67 10.09
C SER A 190 10.56 -30.90 10.61
N MET A 191 11.61 -31.36 9.91
CA MET A 191 12.27 -32.59 10.34
C MET A 191 13.15 -32.38 11.57
N ASP A 192 13.56 -31.15 11.87
CA ASP A 192 14.48 -30.89 12.96
C ASP A 192 13.70 -30.60 14.23
N PRO A 193 13.82 -31.43 15.28
CA PRO A 193 13.12 -31.11 16.54
C PRO A 193 13.60 -29.83 17.20
N SER A 194 14.82 -29.38 16.89
CA SER A 194 15.33 -28.15 17.49
C SER A 194 14.70 -26.90 16.91
N VAL A 195 14.06 -27.00 15.76
CA VAL A 195 13.42 -25.85 15.13
C VAL A 195 12.09 -25.59 15.82
N HIS A 196 11.89 -24.36 16.30
CA HIS A 196 10.66 -23.97 16.96
C HIS A 196 9.78 -23.04 16.13
N ALA A 197 10.35 -22.33 15.16
CA ALA A 197 9.59 -21.43 14.32
C ALA A 197 10.31 -21.27 12.98
N VAL A 198 9.57 -20.80 11.98
CA VAL A 198 10.09 -20.59 10.65
C VAL A 198 9.74 -19.18 10.20
N VAL A 199 10.53 -18.66 9.26
CA VAL A 199 10.34 -17.34 8.69
C VAL A 199 10.20 -17.49 7.19
N LEU A 200 9.13 -16.94 6.63
CA LEU A 200 8.84 -17.02 5.20
C LEU A 200 9.22 -15.70 4.55
N ILE A 201 10.12 -15.75 3.57
CA ILE A 201 10.56 -14.58 2.82
C ILE A 201 10.54 -14.92 1.33
N ASP A 202 10.17 -13.95 0.51
CA ASP A 202 10.15 -14.14 -0.92
C ASP A 202 11.56 -14.08 -1.50
N SER A 203 11.69 -14.52 -2.76
CA SER A 203 12.99 -14.49 -3.42
C SER A 203 13.41 -13.07 -3.78
N ASP A 204 12.44 -12.18 -3.99
CA ASP A 204 12.73 -10.80 -4.37
C ASP A 204 12.82 -9.86 -3.18
N THR A 205 12.30 -10.24 -2.01
CA THR A 205 12.26 -9.34 -0.88
C THR A 205 13.66 -9.13 -0.31
N VAL A 206 13.82 -8.00 0.38
CA VAL A 206 15.09 -7.60 0.98
C VAL A 206 14.88 -7.49 2.48
N LEU A 207 15.74 -8.18 3.24
CA LEU A 207 15.63 -8.23 4.69
C LEU A 207 16.60 -7.25 5.34
N GLU A 208 16.29 -6.88 6.57
CA GLU A 208 17.13 -6.00 7.36
C GLU A 208 17.90 -6.82 8.41
N LYS A 209 18.78 -6.15 9.14
CA LYS A 209 19.58 -6.83 10.16
C LYS A 209 18.71 -7.39 11.28
N ASN A 210 17.74 -6.60 11.75
CA ASN A 210 16.89 -7.00 12.85
C ASN A 210 15.50 -7.45 12.40
N ALA A 211 15.31 -7.68 11.11
CA ALA A 211 14.00 -8.10 10.62
C ALA A 211 13.61 -9.47 11.15
N ILE A 212 14.57 -10.40 11.22
CA ILE A 212 14.27 -11.76 11.67
C ILE A 212 13.86 -11.76 13.15
N LEU A 213 14.59 -11.01 13.98
CA LEU A 213 14.30 -10.99 15.41
C LEU A 213 12.93 -10.37 15.67
N GLU A 214 12.59 -9.31 14.94
CA GLU A 214 11.35 -8.58 15.20
C GLU A 214 10.10 -9.38 14.85
N VAL A 215 10.21 -10.37 13.96
CA VAL A 215 9.07 -11.19 13.59
C VAL A 215 8.99 -12.48 14.40
N VAL A 216 10.01 -12.81 15.17
CA VAL A 216 9.99 -14.00 16.00
C VAL A 216 9.86 -13.69 17.50
N TYR A 217 10.20 -12.47 17.92
CA TYR A 217 10.03 -12.12 19.33
C TYR A 217 8.57 -12.12 19.79
N PRO A 218 7.63 -11.48 19.09
CA PRO A 218 6.26 -11.40 19.63
C PRO A 218 5.59 -12.74 19.85
N LEU A 219 5.87 -13.74 19.02
CA LEU A 219 5.19 -15.03 19.17
C LEU A 219 5.65 -15.80 20.40
N SER A 220 6.86 -15.53 20.89
CA SER A 220 7.38 -16.29 22.03
C SER A 220 6.76 -15.85 23.35
N CYS A 221 6.51 -14.54 23.51
CA CYS A 221 6.04 -14.02 24.79
C CYS A 221 4.65 -14.55 25.13
N ASP A 222 3.74 -14.60 24.14
CA ASP A 222 2.38 -15.06 24.37
C ASP A 222 2.17 -16.40 23.69
N PRO A 223 1.85 -17.46 24.44
CA PRO A 223 1.58 -18.76 23.80
C PRO A 223 0.41 -18.71 22.83
N ASN A 224 -0.60 -17.87 23.10
CA ASN A 224 -1.72 -17.74 22.19
C ASN A 224 -1.27 -17.20 20.83
N ILE A 225 -0.37 -16.21 20.84
CA ILE A 225 0.13 -15.64 19.59
C ILE A 225 1.08 -16.64 18.95
N LYS A 226 0.83 -16.95 17.67
CA LYS A 226 1.64 -17.92 16.95
C LYS A 226 2.15 -17.43 15.60
N ALA A 227 1.50 -16.44 14.98
CA ALA A 227 1.91 -15.92 13.68
C ALA A 227 2.16 -14.42 13.79
N VAL A 228 3.25 -13.96 13.18
CA VAL A 228 3.63 -12.55 13.18
C VAL A 228 3.86 -12.11 11.75
N ALA A 229 3.30 -10.96 11.40
CA ALA A 229 3.42 -10.39 10.06
C ALA A 229 4.36 -9.20 10.09
N GLY A 230 5.26 -9.13 9.11
CA GLY A 230 6.21 -8.04 8.99
C GLY A 230 5.76 -7.02 7.96
N GLU A 231 6.16 -5.77 8.17
CA GLU A 231 5.82 -4.70 7.26
C GLU A 231 6.56 -4.86 5.93
N CYS A 232 5.85 -4.56 4.84
CA CYS A 232 6.41 -4.65 3.50
C CYS A 232 6.46 -3.27 2.87
N LYS A 233 7.57 -2.96 2.21
CA LYS A 233 7.77 -1.67 1.56
C LYS A 233 8.28 -1.88 0.15
N ILE A 234 8.15 -0.85 -0.68
CA ILE A 234 8.59 -0.88 -2.07
C ILE A 234 9.81 0.01 -2.20
N TRP A 235 10.92 -0.56 -2.68
CA TRP A 235 12.16 0.20 -2.75
C TRP A 235 12.15 1.20 -3.90
N ASN A 236 11.63 0.82 -5.06
CA ASN A 236 11.62 1.70 -6.22
C ASN A 236 10.33 2.50 -6.28
N THR A 237 10.46 3.81 -6.53
CA THR A 237 9.31 4.70 -6.62
C THR A 237 9.43 5.70 -7.76
N ASP A 238 10.26 5.42 -8.76
CA ASP A 238 10.43 6.36 -9.86
C ASP A 238 9.14 6.55 -10.65
N THR A 239 8.44 5.45 -10.94
CA THR A 239 7.18 5.54 -11.66
C THR A 239 6.08 6.11 -10.76
N ILE A 240 5.18 6.88 -11.37
CA ILE A 240 4.06 7.43 -10.61
C ILE A 240 3.17 6.33 -10.07
N LEU A 241 2.96 5.27 -10.87
CA LEU A 241 2.19 4.13 -10.38
C LEU A 241 2.91 3.42 -9.24
N SER A 242 4.23 3.24 -9.37
CA SER A 242 4.99 2.53 -8.35
C SER A 242 4.97 3.27 -7.02
N MET A 243 5.15 4.59 -7.05
CA MET A 243 5.16 5.37 -5.80
C MET A 243 3.79 5.36 -5.13
N LEU A 244 2.72 5.49 -5.92
CA LEU A 244 1.38 5.43 -5.36
C LEU A 244 1.09 4.06 -4.76
N VAL A 245 1.53 3.00 -5.44
CA VAL A 245 1.34 1.65 -4.90
C VAL A 245 2.12 1.49 -3.60
N SER A 246 3.34 2.02 -3.55
CA SER A 246 4.15 1.95 -2.33
C SER A 246 3.46 2.68 -1.18
N TRP A 247 2.94 3.88 -1.44
CA TRP A 247 2.28 4.63 -0.38
C TRP A 247 1.00 3.94 0.07
N ARG A 248 0.25 3.35 -0.86
CA ARG A 248 -0.95 2.61 -0.49
C ARG A 248 -0.59 1.40 0.37
N TYR A 249 0.46 0.68 0.01
CA TYR A 249 0.89 -0.46 0.80
C TYR A 249 1.32 -0.03 2.20
N PHE A 250 2.07 1.08 2.28
CA PHE A 250 2.51 1.58 3.59
C PHE A 250 1.31 1.96 4.45
N SER A 251 0.34 2.68 3.86
CA SER A 251 -0.86 3.07 4.61
C SER A 251 -1.65 1.85 5.06
N ALA A 252 -1.80 0.86 4.18
CA ALA A 252 -2.52 -0.35 4.55
C ALA A 252 -1.85 -1.06 5.71
N PHE A 253 -0.53 -1.25 5.61
CA PHE A 253 0.21 -1.95 6.65
C PHE A 253 0.16 -1.20 7.97
N ASN A 254 0.23 0.13 7.93
CA ASN A 254 0.24 0.90 9.17
C ASN A 254 -1.14 1.18 9.72
N VAL A 255 -2.22 0.92 8.98
CA VAL A 255 -3.55 1.21 9.47
C VAL A 255 -4.36 -0.07 9.65
N GLU A 256 -4.61 -0.79 8.56
CA GLU A 256 -5.51 -1.94 8.63
C GLU A 256 -4.86 -3.10 9.37
N ARG A 257 -3.57 -3.34 9.12
CA ARG A 257 -2.87 -4.41 9.84
C ARG A 257 -2.80 -4.12 11.33
N GLY A 258 -2.56 -2.86 11.70
CA GLY A 258 -2.55 -2.50 13.11
C GLY A 258 -3.91 -2.66 13.76
N ALA A 259 -4.97 -2.24 13.06
CA ALA A 259 -6.32 -2.40 13.59
C ALA A 259 -6.67 -3.87 13.78
N GLN A 260 -6.28 -4.71 12.82
CA GLN A 260 -6.53 -6.14 12.95
C GLN A 260 -5.71 -6.74 14.09
N SER A 261 -4.47 -6.31 14.25
CA SER A 261 -3.59 -6.86 15.28
C SER A 261 -3.99 -6.41 16.68
N LEU A 262 -4.68 -5.28 16.80
CA LEU A 262 -5.16 -4.86 18.13
C LEU A 262 -6.10 -5.92 18.71
N TRP A 263 -7.02 -6.43 17.89
CA TRP A 263 -7.88 -7.52 18.29
C TRP A 263 -7.28 -8.89 17.97
N LYS A 264 -6.08 -8.92 17.40
CA LYS A 264 -5.37 -10.16 17.07
C LYS A 264 -6.17 -11.02 16.10
N THR A 265 -6.55 -10.40 14.98
CA THR A 265 -7.27 -11.06 13.89
C THR A 265 -6.66 -10.65 12.55
N VAL A 266 -5.34 -10.73 12.46
CA VAL A 266 -4.62 -10.27 11.27
C VAL A 266 -4.94 -11.18 10.09
N GLN A 267 -5.26 -10.58 8.95
CA GLN A 267 -5.51 -11.30 7.71
C GLN A 267 -4.30 -11.16 6.80
N CYS A 268 -4.00 -12.22 6.05
CA CYS A 268 -2.84 -12.27 5.15
C CYS A 268 -1.54 -12.06 5.93
N VAL A 269 -1.39 -12.83 7.00
CA VAL A 269 -0.18 -12.74 7.82
C VAL A 269 1.04 -13.22 7.04
N GLY A 270 0.85 -14.24 6.21
CA GLY A 270 1.97 -14.81 5.48
C GLY A 270 2.42 -13.93 4.32
N GLY A 271 3.50 -14.38 3.68
CA GLY A 271 4.10 -13.64 2.59
C GLY A 271 5.54 -13.28 2.91
N PRO A 272 6.07 -12.26 2.24
CA PRO A 272 7.41 -11.79 2.58
C PRO A 272 7.46 -11.27 4.02
N LEU A 273 8.55 -11.61 4.71
CA LEU A 273 8.74 -11.23 6.11
C LEU A 273 7.58 -11.72 6.97
N GLY A 274 7.42 -13.03 7.02
CA GLY A 274 6.35 -13.64 7.79
C GLY A 274 6.82 -14.84 8.60
N ALA A 275 6.35 -14.95 9.85
CA ALA A 275 6.76 -16.02 10.74
C ALA A 275 5.58 -16.94 11.05
N TYR A 276 5.90 -18.22 11.26
CA TYR A 276 4.90 -19.22 11.60
C TYR A 276 5.47 -20.17 12.63
N THR A 277 4.65 -20.52 13.63
CA THR A 277 5.05 -21.48 14.64
C THR A 277 4.99 -22.89 14.05
N ILE A 278 5.93 -23.74 14.48
CA ILE A 278 6.13 -25.02 13.82
C ILE A 278 4.93 -25.95 14.01
N ASP A 279 4.26 -25.91 15.16
CA ASP A 279 3.18 -26.86 15.41
C ASP A 279 1.98 -26.61 14.51
N ILE A 280 1.58 -25.35 14.36
CA ILE A 280 0.41 -25.03 13.55
C ILE A 280 0.65 -25.40 12.09
N ILE A 281 1.80 -25.01 11.56
CA ILE A 281 2.11 -25.32 10.16
C ILE A 281 2.25 -26.83 9.97
N ASN A 282 2.82 -27.52 10.96
CA ASN A 282 2.95 -28.97 10.87
C ASN A 282 1.59 -29.65 10.84
N GLU A 283 0.63 -29.13 11.60
CA GLU A 283 -0.68 -29.75 11.66
C GLU A 283 -1.63 -29.30 10.55
N ILE A 284 -1.33 -28.19 9.86
CA ILE A 284 -2.20 -27.72 8.80
C ILE A 284 -1.55 -27.80 7.42
N LYS A 285 -0.37 -28.40 7.32
CA LYS A 285 0.25 -28.54 6.01
C LYS A 285 -0.60 -29.39 5.06
N ASP A 286 -1.15 -30.49 5.56
CA ASP A 286 -1.93 -31.38 4.70
C ASP A 286 -3.20 -30.74 4.15
N PRO A 287 -4.05 -30.08 4.96
CA PRO A 287 -5.23 -29.42 4.36
C PRO A 287 -4.87 -28.30 3.40
N TRP A 288 -3.76 -27.60 3.65
CA TRP A 288 -3.39 -26.48 2.79
C TRP A 288 -2.92 -26.95 1.41
N ILE A 289 -2.43 -28.17 1.32
CA ILE A 289 -1.91 -28.68 0.04
C ILE A 289 -2.87 -29.63 -0.65
N THR A 290 -3.77 -30.30 0.09
CA THR A 290 -4.68 -31.26 -0.51
C THR A 290 -5.91 -30.61 -1.14
N GLN A 291 -6.10 -29.30 -0.94
CA GLN A 291 -7.27 -28.64 -1.47
C GLN A 291 -7.17 -28.49 -3.00
N THR A 292 -8.32 -28.50 -3.66
CA THR A 292 -8.40 -28.35 -5.10
C THR A 292 -9.23 -27.12 -5.45
N PHE A 293 -8.94 -26.53 -6.60
CA PHE A 293 -9.62 -25.34 -7.06
C PHE A 293 -10.04 -25.53 -8.52
N LEU A 294 -11.13 -24.85 -8.90
CA LEU A 294 -11.61 -24.92 -10.27
C LEU A 294 -10.74 -24.12 -11.22
N GLY A 295 -10.62 -22.81 -10.97
CA GLY A 295 -9.75 -21.97 -11.76
C GLY A 295 -8.49 -21.57 -11.04
N ASN A 296 -7.37 -22.19 -11.39
CA ASN A 296 -6.09 -21.95 -10.74
C ASN A 296 -5.07 -21.47 -11.75
N LYS A 297 -4.30 -20.45 -11.35
CA LYS A 297 -3.23 -19.95 -12.20
C LYS A 297 -2.08 -20.95 -12.25
N CYS A 298 -1.26 -20.82 -13.30
CA CYS A 298 -0.10 -21.69 -13.43
C CYS A 298 0.87 -21.52 -12.26
N THR A 299 1.10 -20.28 -11.84
CA THR A 299 1.98 -20.00 -10.69
C THR A 299 1.42 -18.76 -9.98
N TYR A 300 0.59 -18.99 -8.96
CA TYR A 300 0.02 -17.91 -8.17
C TYR A 300 0.47 -17.97 -6.72
N GLY A 301 0.26 -19.09 -6.03
CA GLY A 301 0.58 -19.19 -4.62
C GLY A 301 -0.56 -18.68 -3.75
N ASP A 302 -1.01 -19.51 -2.82
CA ASP A 302 -2.13 -19.16 -1.95
C ASP A 302 -1.63 -18.77 -0.57
N ASN A 303 -2.04 -17.60 -0.10
CA ASN A 303 -1.68 -17.08 1.21
C ASN A 303 -2.88 -16.78 2.08
N ARG A 304 -3.95 -16.23 1.50
CA ARG A 304 -5.16 -15.98 2.26
C ARG A 304 -5.76 -17.29 2.78
N ARG A 305 -5.67 -18.36 1.99
CA ARG A 305 -6.13 -19.67 2.45
C ARG A 305 -5.33 -20.14 3.66
N LEU A 306 -4.00 -19.96 3.61
CA LEU A 306 -3.17 -20.34 4.75
C LEU A 306 -3.53 -19.53 5.99
N THR A 307 -3.72 -18.22 5.82
CA THR A 307 -4.10 -17.39 6.96
C THR A 307 -5.44 -17.81 7.54
N ASN A 308 -6.42 -18.09 6.68
CA ASN A 308 -7.71 -18.55 7.15
C ASN A 308 -7.60 -19.88 7.88
N GLU A 309 -6.78 -20.80 7.35
CA GLU A 309 -6.60 -22.10 8.00
C GLU A 309 -5.97 -21.95 9.37
N VAL A 310 -5.02 -21.02 9.50
CA VAL A 310 -4.47 -20.71 10.82
C VAL A 310 -5.57 -20.15 11.72
N LEU A 311 -6.44 -19.29 11.17
CA LEU A 311 -7.49 -18.68 11.95
C LEU A 311 -8.56 -19.67 12.39
N MET A 312 -8.70 -20.81 11.70
CA MET A 312 -9.71 -21.79 12.10
C MET A 312 -9.44 -22.33 13.50
N ARG A 313 -8.17 -22.56 13.83
CA ARG A 313 -7.82 -23.10 15.14
C ARG A 313 -8.09 -22.14 16.28
N GLY A 314 -8.37 -20.87 15.98
CA GLY A 314 -8.65 -19.88 17.00
C GLY A 314 -7.44 -19.19 17.57
N LYS A 315 -6.24 -19.56 17.15
CA LYS A 315 -5.03 -18.93 17.65
C LYS A 315 -4.94 -17.49 17.18
N LYS A 316 -4.40 -16.64 18.06
CA LYS A 316 -4.33 -15.21 17.79
C LYS A 316 -3.09 -14.87 16.97
N ILE A 317 -3.24 -13.90 16.08
CA ILE A 317 -2.18 -13.46 15.18
C ILE A 317 -1.96 -11.97 15.36
N VAL A 318 -0.71 -11.57 15.55
CA VAL A 318 -0.35 -10.17 15.78
C VAL A 318 0.56 -9.70 14.65
N TYR A 319 0.55 -8.39 14.42
CA TYR A 319 1.37 -7.75 13.40
C TYR A 319 2.24 -6.69 14.04
N THR A 320 3.49 -6.59 13.58
CA THR A 320 4.42 -5.59 14.08
C THR A 320 4.97 -4.75 12.95
N PRO A 321 5.14 -3.45 13.17
CA PRO A 321 5.69 -2.59 12.10
C PRO A 321 7.19 -2.38 12.22
N PHE A 322 7.79 -2.87 13.31
CA PHE A 322 9.22 -2.67 13.53
C PHE A 322 10.04 -3.38 12.45
N ALA A 323 9.65 -4.60 12.09
CA ALA A 323 10.34 -5.30 11.02
C ALA A 323 10.00 -4.67 9.67
N VAL A 324 11.01 -4.43 8.85
CA VAL A 324 10.86 -3.74 7.58
C VAL A 324 11.35 -4.66 6.46
N GLY A 325 10.51 -4.83 5.45
CA GLY A 325 10.89 -5.62 4.28
C GLY A 325 10.68 -4.82 3.02
N TRP A 326 11.61 -4.99 2.07
CA TRP A 326 11.59 -4.25 0.81
C TRP A 326 11.39 -5.21 -0.34
N SER A 327 10.37 -4.96 -1.15
CA SER A 327 10.06 -5.79 -2.30
C SER A 327 9.67 -4.89 -3.47
N ASP A 328 9.81 -5.42 -4.69
CA ASP A 328 9.49 -4.65 -5.88
C ASP A 328 7.99 -4.65 -6.15
N SER A 329 7.57 -3.71 -7.00
CA SER A 329 6.19 -3.59 -7.41
C SER A 329 6.12 -3.45 -8.93
N PRO A 330 5.03 -3.90 -9.55
CA PRO A 330 4.91 -3.76 -11.00
C PRO A 330 4.90 -2.31 -11.43
N THR A 331 5.54 -2.03 -12.57
CA THR A 331 5.64 -0.69 -13.12
C THR A 331 4.75 -0.50 -14.34
N ASN A 332 3.91 -1.47 -14.68
CA ASN A 332 3.05 -1.40 -15.84
C ASN A 332 1.59 -1.36 -15.40
N VAL A 333 0.80 -0.53 -16.08
CA VAL A 333 -0.62 -0.38 -15.72
C VAL A 333 -1.36 -1.68 -15.95
N MET A 334 -1.09 -2.36 -17.09
CA MET A 334 -1.78 -3.61 -17.37
C MET A 334 -1.42 -4.69 -16.36
N ARG A 335 -0.14 -4.79 -16.00
CA ARG A 335 0.28 -5.79 -15.01
C ARG A 335 -0.34 -5.49 -13.65
N TYR A 336 -0.39 -4.21 -13.26
CA TYR A 336 -1.03 -3.85 -12.00
C TYR A 336 -2.51 -4.19 -12.01
N ILE A 337 -3.18 -3.94 -13.14
CA ILE A 337 -4.59 -4.27 -13.26
C ILE A 337 -4.81 -5.77 -13.14
N VAL A 338 -3.95 -6.56 -13.79
CA VAL A 338 -4.07 -8.01 -13.71
C VAL A 338 -3.85 -8.50 -12.29
N GLN A 339 -2.84 -7.94 -11.61
CA GLN A 339 -2.59 -8.34 -10.22
C GLN A 339 -3.75 -7.97 -9.31
N GLN A 340 -4.33 -6.78 -9.50
CA GLN A 340 -5.48 -6.37 -8.71
C GLN A 340 -6.68 -7.27 -8.98
N THR A 341 -6.88 -7.65 -10.24
CA THR A 341 -7.97 -8.57 -10.56
C THR A 341 -7.77 -9.92 -9.88
N ARG A 342 -6.54 -10.43 -9.90
CA ARG A 342 -6.27 -11.71 -9.25
C ARG A 342 -6.49 -11.62 -7.73
N TRP A 343 -6.04 -10.52 -7.12
CA TRP A 343 -6.24 -10.35 -5.69
C TRP A 343 -7.72 -10.24 -5.34
N SER A 344 -8.48 -9.51 -6.15
CA SER A 344 -9.92 -9.38 -5.91
C SER A 344 -10.61 -10.73 -6.06
N LYS A 345 -10.21 -11.52 -7.07
CA LYS A 345 -10.79 -12.85 -7.24
C LYS A 345 -10.48 -13.74 -6.05
N SER A 346 -9.23 -13.70 -5.56
CA SER A 346 -8.88 -14.49 -4.39
C SER A 346 -9.67 -14.06 -3.16
N TRP A 347 -9.82 -12.75 -2.97
CA TRP A 347 -10.60 -12.26 -1.83
C TRP A 347 -12.05 -12.68 -1.92
N CYS A 348 -12.64 -12.61 -3.13
CA CYS A 348 -14.03 -13.03 -3.30
C CYS A 348 -14.18 -14.52 -3.04
N ARG A 349 -13.20 -15.32 -3.48
CA ARG A 349 -13.27 -16.76 -3.24
C ARG A 349 -13.14 -17.07 -1.75
N GLU A 350 -12.27 -16.36 -1.03
CA GLU A 350 -11.99 -16.66 0.35
C GLU A 350 -12.91 -15.98 1.34
N ILE A 351 -13.76 -15.04 0.89
CA ILE A 351 -14.67 -14.38 1.82
C ILE A 351 -15.68 -15.36 2.40
N TRP A 352 -15.96 -16.45 1.69
CA TRP A 352 -16.90 -17.45 2.22
C TRP A 352 -16.34 -18.11 3.47
N TYR A 353 -15.06 -18.47 3.47
CA TYR A 353 -14.43 -19.07 4.63
C TYR A 353 -13.91 -18.06 5.63
N THR A 354 -13.81 -16.77 5.24
CA THR A 354 -13.36 -15.75 6.18
C THR A 354 -14.34 -15.56 7.32
N LEU A 355 -15.64 -15.59 7.02
CA LEU A 355 -16.65 -15.38 8.06
C LEU A 355 -16.66 -16.53 9.07
N GLY A 356 -16.36 -17.75 8.62
CA GLY A 356 -16.35 -18.88 9.54
C GLY A 356 -15.28 -18.77 10.61
N SER A 357 -14.13 -18.19 10.28
CA SER A 357 -13.07 -18.04 11.27
C SER A 357 -13.48 -17.13 12.40
N ALA A 358 -14.20 -16.05 12.09
CA ALA A 358 -14.64 -15.11 13.13
C ALA A 358 -15.63 -15.75 14.09
N TRP A 359 -16.42 -16.72 13.61
CA TRP A 359 -17.38 -17.39 14.49
C TRP A 359 -16.68 -18.22 15.56
N LYS A 360 -15.54 -18.84 15.23
CA LYS A 360 -14.84 -19.66 16.20
C LYS A 360 -14.36 -18.85 17.39
N HIS A 361 -13.85 -17.65 17.14
CA HIS A 361 -13.33 -16.81 18.21
C HIS A 361 -14.46 -16.32 19.11
N GLY A 362 -14.22 -16.35 20.42
CA GLY A 362 -15.19 -15.87 21.38
C GLY A 362 -14.99 -14.40 21.70
N PHE A 363 -16.02 -13.59 21.44
CA PHE A 363 -15.97 -12.14 21.59
C PHE A 363 -14.86 -11.50 20.74
N SER A 364 -14.43 -12.20 19.69
CA SER A 364 -13.40 -11.71 18.80
C SER A 364 -13.78 -12.06 17.36
N GLY A 365 -13.23 -11.30 16.42
CA GLY A 365 -13.56 -11.47 15.02
C GLY A 365 -14.76 -10.68 14.56
N ILE A 366 -15.51 -10.05 15.48
CA ILE A 366 -16.63 -9.21 15.08
C ILE A 366 -16.13 -8.02 14.28
N TYR A 367 -14.99 -7.45 14.69
CA TYR A 367 -14.39 -6.35 13.92
C TYR A 367 -14.00 -6.81 12.52
N LEU A 368 -13.42 -8.02 12.42
CA LEU A 368 -13.04 -8.54 11.11
C LEU A 368 -14.25 -8.75 10.22
N ALA A 369 -15.34 -9.31 10.77
CA ALA A 369 -16.55 -9.49 9.98
C ALA A 369 -17.15 -8.15 9.57
N PHE A 370 -17.14 -7.17 10.48
CA PHE A 370 -17.66 -5.85 10.15
C PHE A 370 -16.85 -5.21 9.04
N GLU A 371 -15.52 -5.34 9.09
CA GLU A 371 -14.69 -4.79 8.02
C GLU A 371 -14.94 -5.52 6.70
N CYS A 372 -15.12 -6.84 6.74
CA CYS A 372 -15.39 -7.59 5.53
C CYS A 372 -16.70 -7.15 4.88
N MET A 373 -17.74 -6.94 5.69
CA MET A 373 -18.99 -6.41 5.16
C MET A 373 -18.82 -4.97 4.69
N TYR A 374 -17.99 -4.20 5.39
CA TYR A 374 -17.79 -2.79 5.05
C TYR A 374 -17.13 -2.64 3.69
N GLN A 375 -16.23 -3.56 3.33
CA GLN A 375 -15.58 -3.47 2.03
C GLN A 375 -16.60 -3.52 0.89
N ILE A 376 -17.47 -4.54 0.90
CA ILE A 376 -18.45 -4.68 -0.17
C ILE A 376 -19.49 -3.56 -0.08
N MET A 377 -19.88 -3.16 1.14
CA MET A 377 -20.84 -2.07 1.27
C MET A 377 -20.26 -0.77 0.70
N TYR A 378 -18.99 -0.48 0.99
CA TYR A 378 -18.33 0.70 0.46
C TYR A 378 -18.25 0.65 -1.06
N PHE A 379 -17.88 -0.51 -1.62
CA PHE A 379 -17.81 -0.63 -3.07
C PHE A 379 -19.17 -0.38 -3.71
N PHE A 380 -20.22 -1.01 -3.18
CA PHE A 380 -21.55 -0.83 -3.74
C PHE A 380 -22.02 0.62 -3.61
N LEU A 381 -21.76 1.24 -2.45
CA LEU A 381 -22.21 2.61 -2.23
C LEU A 381 -21.47 3.58 -3.14
N VAL A 382 -20.17 3.39 -3.33
CA VAL A 382 -19.43 4.29 -4.22
C VAL A 382 -19.85 4.10 -5.66
N MET A 383 -20.15 2.85 -6.06
CA MET A 383 -20.67 2.62 -7.40
C MET A 383 -22.02 3.31 -7.60
N TYR A 384 -22.90 3.20 -6.61
CA TYR A 384 -24.20 3.85 -6.69
C TYR A 384 -24.05 5.36 -6.74
N LEU A 385 -23.14 5.93 -5.95
CA LEU A 385 -22.93 7.37 -5.96
C LEU A 385 -22.39 7.83 -7.31
N PHE A 386 -21.44 7.08 -7.89
CA PHE A 386 -20.93 7.43 -9.21
C PHE A 386 -22.02 7.37 -10.26
N SER A 387 -22.85 6.33 -10.23
CA SER A 387 -23.94 6.22 -11.18
C SER A 387 -24.93 7.37 -11.03
N TYR A 388 -25.25 7.74 -9.78
CA TYR A 388 -26.19 8.82 -9.54
C TYR A 388 -25.64 10.16 -10.03
N ILE A 389 -24.37 10.45 -9.75
CA ILE A 389 -23.81 11.73 -10.18
C ILE A 389 -23.64 11.76 -11.69
N ALA A 390 -23.41 10.60 -12.32
CA ALA A 390 -23.33 10.57 -13.78
C ALA A 390 -24.70 10.79 -14.41
N ILE A 391 -25.74 10.17 -13.85
CA ILE A 391 -27.08 10.29 -14.43
C ILE A 391 -27.61 11.71 -14.23
N LYS A 392 -27.49 12.23 -13.00
CA LYS A 392 -28.02 13.57 -12.72
C LYS A 392 -27.25 14.65 -13.48
N ALA A 393 -25.93 14.51 -13.56
CA ALA A 393 -25.06 15.47 -14.23
C ALA A 393 -25.27 16.88 -13.69
N ASP A 394 -25.33 16.99 -12.36
CA ASP A 394 -25.50 18.27 -11.69
C ASP A 394 -24.13 18.82 -11.29
N ILE A 395 -23.87 20.08 -11.66
CA ILE A 395 -22.57 20.67 -11.38
C ILE A 395 -22.39 20.90 -9.88
N ARG A 396 -23.47 21.27 -9.18
CA ARG A 396 -23.35 21.54 -7.76
C ARG A 396 -23.01 20.28 -6.97
N ALA A 397 -23.65 19.15 -7.31
CA ALA A 397 -23.39 17.92 -6.58
C ALA A 397 -22.01 17.36 -6.90
N GLN A 398 -21.62 17.38 -8.19
CA GLN A 398 -20.32 16.85 -8.57
C GLN A 398 -19.19 17.64 -7.95
N THR A 399 -19.30 18.98 -7.95
CA THR A 399 -18.26 19.80 -7.32
C THR A 399 -18.18 19.52 -5.83
N ALA A 400 -19.34 19.40 -5.16
CA ALA A 400 -19.33 19.14 -3.73
C ALA A 400 -18.69 17.80 -3.41
N THR A 401 -19.03 16.76 -4.17
CA THR A 401 -18.48 15.43 -3.86
C THR A 401 -17.00 15.35 -4.19
N VAL A 402 -16.57 16.01 -5.28
CA VAL A 402 -15.14 15.98 -5.60
C VAL A 402 -14.35 16.78 -4.57
N LEU A 403 -14.91 17.88 -4.07
CA LEU A 403 -14.24 18.63 -3.01
C LEU A 403 -14.16 17.82 -1.73
N VAL A 404 -15.23 17.09 -1.38
CA VAL A 404 -15.21 16.25 -0.19
C VAL A 404 -14.16 15.15 -0.33
N SER A 405 -14.09 14.51 -1.50
CA SER A 405 -13.09 13.47 -1.72
C SER A 405 -11.69 14.04 -1.64
N THR A 406 -11.46 15.22 -2.22
CA THR A 406 -10.15 15.85 -2.13
C THR A 406 -9.79 16.17 -0.69
N LEU A 407 -10.75 16.68 0.08
CA LEU A 407 -10.48 17.02 1.47
C LEU A 407 -10.14 15.79 2.30
N VAL A 408 -10.88 14.70 2.13
CA VAL A 408 -10.61 13.51 2.92
C VAL A 408 -9.28 12.88 2.49
N THR A 409 -8.97 12.91 1.19
CA THR A 409 -7.68 12.41 0.73
C THR A 409 -6.54 13.25 1.27
N ILE A 410 -6.72 14.57 1.34
CA ILE A 410 -5.70 15.45 1.90
C ILE A 410 -5.50 15.14 3.38
N ILE A 411 -6.59 14.91 4.11
CA ILE A 411 -6.47 14.56 5.52
C ILE A 411 -5.71 13.25 5.69
N LYS A 412 -6.02 12.25 4.87
CA LYS A 412 -5.31 10.97 4.95
C LYS A 412 -3.83 11.14 4.63
N SER A 413 -3.52 11.94 3.60
CA SER A 413 -2.13 12.16 3.24
C SER A 413 -1.38 12.91 4.35
N SER A 414 -2.04 13.87 4.98
CA SER A 414 -1.42 14.58 6.10
C SER A 414 -1.14 13.64 7.26
N TYR A 415 -2.10 12.75 7.57
CA TYR A 415 -1.86 11.77 8.63
C TYR A 415 -0.70 10.84 8.29
N LEU A 416 -0.64 10.40 7.02
CA LEU A 416 0.46 9.52 6.61
C LEU A 416 1.80 10.24 6.72
N ALA A 417 1.84 11.52 6.33
CA ALA A 417 3.08 12.28 6.44
C ALA A 417 3.49 12.46 7.90
N LEU A 418 2.52 12.73 8.78
CA LEU A 418 2.82 12.87 10.20
C LEU A 418 3.34 11.57 10.80
N ARG A 419 2.72 10.44 10.43
CA ARG A 419 3.14 9.16 10.98
C ARG A 419 4.51 8.74 10.45
N ALA A 420 4.74 8.92 9.14
CA ALA A 420 5.99 8.51 8.52
C ALA A 420 7.10 9.55 8.64
N LYS A 421 6.77 10.76 9.12
CA LYS A 421 7.75 11.85 9.24
C LYS A 421 8.42 12.14 7.90
N ASN A 422 7.65 12.06 6.82
CA ASN A 422 8.15 12.30 5.47
C ASN A 422 7.16 13.15 4.71
N LEU A 423 7.66 14.11 3.95
CA LEU A 423 6.81 14.99 3.16
C LEU A 423 6.35 14.38 1.85
N LYS A 424 6.88 13.20 1.49
CA LYS A 424 6.49 12.56 0.23
C LYS A 424 5.11 11.93 0.28
N ALA A 425 4.50 11.83 1.46
CA ALA A 425 3.17 11.23 1.58
C ALA A 425 2.07 12.13 1.03
N PHE A 426 2.37 13.39 0.74
CA PHE A 426 1.37 14.30 0.18
C PHE A 426 1.02 13.97 -1.27
N TYR A 427 1.77 13.08 -1.91
CA TYR A 427 1.49 12.68 -3.29
C TYR A 427 0.40 11.62 -3.39
N PHE A 428 -0.17 11.19 -2.25
CA PHE A 428 -1.22 10.18 -2.24
C PHE A 428 -2.53 10.68 -2.82
N VAL A 429 -2.66 11.98 -3.06
CA VAL A 429 -3.92 12.52 -3.58
C VAL A 429 -4.18 12.01 -4.99
N LEU A 430 -3.12 11.82 -5.79
CA LEU A 430 -3.29 11.30 -7.14
C LEU A 430 -3.59 9.81 -7.16
N TYR A 431 -3.50 9.11 -6.02
CA TYR A 431 -3.83 7.69 -6.00
C TYR A 431 -5.31 7.44 -6.28
N THR A 432 -6.16 8.45 -6.04
CA THR A 432 -7.59 8.26 -6.26
C THR A 432 -7.90 7.96 -7.71
N TYR A 433 -7.24 8.65 -8.64
CA TYR A 433 -7.49 8.44 -10.06
C TYR A 433 -7.15 7.02 -10.48
N VAL A 434 -5.94 6.56 -10.13
CA VAL A 434 -5.51 5.22 -10.53
C VAL A 434 -6.35 4.17 -9.82
N TYR A 435 -6.74 4.41 -8.57
CA TYR A 435 -7.61 3.47 -7.87
C TYR A 435 -8.94 3.33 -8.61
N PHE A 436 -9.58 4.46 -8.92
CA PHE A 436 -10.88 4.42 -9.60
C PHE A 436 -10.77 3.78 -10.98
N PHE A 437 -9.66 4.02 -11.68
CA PHE A 437 -9.51 3.51 -13.03
C PHE A 437 -8.99 2.07 -13.09
N CYS A 438 -8.50 1.52 -11.98
CA CYS A 438 -7.94 0.17 -11.99
C CYS A 438 -8.70 -0.81 -11.12
N MET A 439 -8.93 -0.48 -9.84
CA MET A 439 -9.51 -1.44 -8.92
C MET A 439 -10.95 -1.79 -9.30
N ILE A 440 -11.75 -0.78 -9.67
CA ILE A 440 -13.16 -1.04 -10.01
C ILE A 440 -13.30 -1.97 -11.20
N PRO A 441 -12.65 -1.73 -12.36
CA PRO A 441 -12.71 -2.74 -13.42
C PRO A 441 -12.11 -4.07 -13.01
N ALA A 442 -11.05 -4.06 -12.19
CA ALA A 442 -10.49 -5.31 -11.70
C ALA A 442 -11.49 -6.09 -10.85
N ARG A 443 -12.19 -5.39 -9.95
CA ARG A 443 -13.20 -6.05 -9.12
C ARG A 443 -14.35 -6.57 -9.97
N ILE A 444 -14.78 -5.79 -10.97
CA ILE A 444 -15.85 -6.23 -11.85
C ILE A 444 -15.44 -7.49 -12.61
N THR A 445 -14.21 -7.51 -13.13
CA THR A 445 -13.73 -8.68 -13.85
C THR A 445 -13.62 -9.89 -12.93
N ALA A 446 -13.14 -9.68 -11.70
CA ALA A 446 -13.04 -10.78 -10.75
C ALA A 446 -14.41 -11.35 -10.41
N MET A 447 -15.40 -10.48 -10.22
CA MET A 447 -16.75 -10.96 -9.93
C MET A 447 -17.36 -11.69 -11.13
N PHE A 448 -17.11 -11.18 -12.34
CA PHE A 448 -17.65 -11.82 -13.53
C PHE A 448 -17.01 -13.19 -13.77
N THR A 449 -15.70 -13.31 -13.52
CA THR A 449 -15.02 -14.59 -13.74
C THR A 449 -15.56 -15.67 -12.82
N MET A 450 -15.78 -15.34 -11.55
CA MET A 450 -16.33 -16.29 -10.59
C MET A 450 -17.85 -16.31 -10.65
N TRP A 473 -6.57 -12.29 -28.32
CA TRP A 473 -7.65 -13.02 -27.68
C TRP A 473 -7.41 -13.11 -26.18
N ALA A 474 -6.98 -11.98 -25.59
CA ALA A 474 -6.70 -11.96 -24.16
C ALA A 474 -7.99 -11.95 -23.35
N LYS A 475 -8.99 -11.17 -23.80
CA LYS A 475 -10.31 -11.05 -23.15
C LYS A 475 -10.20 -10.83 -21.63
N GLN A 476 -9.11 -10.21 -21.19
CA GLN A 476 -8.92 -9.82 -19.80
C GLN A 476 -9.12 -8.33 -19.56
N PHE A 477 -8.69 -7.50 -20.51
CA PHE A 477 -8.82 -6.05 -20.43
C PHE A 477 -10.03 -5.52 -21.18
N LEU A 478 -10.87 -6.41 -21.72
CA LEU A 478 -12.07 -5.96 -22.42
C LEU A 478 -13.02 -5.25 -21.47
N ILE A 479 -13.20 -5.77 -20.25
CA ILE A 479 -14.05 -5.11 -19.27
C ILE A 479 -13.46 -3.76 -18.89
N THR A 480 -12.14 -3.67 -18.78
CA THR A 480 -11.50 -2.40 -18.49
C THR A 480 -11.76 -1.38 -19.59
N TYR A 481 -11.66 -1.79 -20.85
CA TYR A 481 -11.96 -0.87 -21.94
C TYR A 481 -13.42 -0.47 -21.95
N MET A 482 -14.34 -1.40 -21.65
CA MET A 482 -15.75 -1.05 -21.56
C MET A 482 -16.00 -0.02 -20.46
N TRP A 483 -15.36 -0.22 -19.30
CA TRP A 483 -15.51 0.74 -18.20
C TRP A 483 -14.96 2.11 -18.59
N TRP A 484 -13.80 2.14 -19.24
CA TRP A 484 -13.21 3.41 -19.67
C TRP A 484 -14.11 4.11 -20.68
N ALA A 485 -14.66 3.36 -21.64
CA ALA A 485 -15.57 3.95 -22.61
C ALA A 485 -16.83 4.49 -21.93
N GLY A 486 -17.36 3.75 -20.96
CA GLY A 486 -18.54 4.21 -20.25
C GLY A 486 -18.29 5.49 -19.47
N VAL A 487 -17.17 5.55 -18.75
CA VAL A 487 -16.88 6.75 -17.97
C VAL A 487 -16.59 7.93 -18.90
N LEU A 488 -15.93 7.69 -20.03
CA LEU A 488 -15.70 8.75 -21.00
C LEU A 488 -17.01 9.28 -21.57
N ALA A 489 -17.93 8.36 -21.90
CA ALA A 489 -19.23 8.78 -22.42
C ALA A 489 -20.01 9.56 -21.37
N ALA A 490 -19.95 9.12 -20.11
CA ALA A 490 -20.62 9.85 -19.04
C ALA A 490 -20.05 11.26 -18.89
N GLY A 491 -18.73 11.38 -18.93
CA GLY A 491 -18.11 12.70 -18.85
C GLY A 491 -18.49 13.59 -20.02
N VAL A 492 -18.53 13.02 -21.23
CA VAL A 492 -18.91 13.79 -22.41
C VAL A 492 -20.35 14.26 -22.29
N TYR A 493 -21.24 13.37 -21.85
CA TYR A 493 -22.64 13.77 -21.67
C TYR A 493 -22.77 14.86 -20.61
N SER A 494 -22.02 14.75 -19.51
CA SER A 494 -22.10 15.76 -18.46
C SER A 494 -21.59 17.11 -18.95
N ILE A 495 -20.48 17.13 -19.68
CA ILE A 495 -19.92 18.40 -20.13
C ILE A 495 -20.77 19.01 -21.24
N VAL A 496 -21.36 18.19 -22.11
CA VAL A 496 -22.18 18.72 -23.19
C VAL A 496 -23.48 19.30 -22.66
N ASP A 497 -24.14 18.60 -21.73
CA ASP A 497 -25.41 19.07 -21.20
C ASP A 497 -25.25 20.39 -20.45
N ASN A 498 -24.20 20.51 -19.64
CA ASN A 498 -23.95 21.73 -18.88
C ASN A 498 -22.90 22.56 -19.64
N TRP A 499 -23.36 23.22 -20.70
CA TRP A 499 -22.52 24.06 -21.54
C TRP A 499 -23.14 25.45 -21.61
N TYR A 500 -22.80 26.28 -20.62
CA TYR A 500 -23.30 27.65 -20.57
C TYR A 500 -22.38 28.46 -19.66
N PHE A 501 -22.48 29.78 -19.79
CA PHE A 501 -21.66 30.71 -18.99
C PHE A 501 -22.59 31.77 -18.41
N ASP A 502 -22.88 31.66 -17.11
CA ASP A 502 -23.73 32.61 -16.39
C ASP A 502 -22.99 33.03 -15.13
N TRP A 503 -22.16 34.07 -15.24
CA TRP A 503 -21.40 34.55 -14.10
C TRP A 503 -22.28 35.24 -13.06
N ALA A 504 -23.49 35.64 -13.44
CA ALA A 504 -24.38 36.29 -12.48
C ALA A 504 -24.78 35.34 -11.36
N ASP A 505 -25.03 34.07 -11.68
CA ASP A 505 -25.45 33.10 -10.69
C ASP A 505 -24.32 32.83 -9.69
N ILE A 506 -24.64 32.89 -8.41
CA ILE A 506 -23.63 32.64 -7.37
C ILE A 506 -23.25 31.17 -7.34
N GLN A 507 -24.21 30.27 -7.52
CA GLN A 507 -23.91 28.84 -7.46
C GLN A 507 -23.02 28.42 -8.62
N TYR A 508 -23.31 28.90 -9.83
CA TYR A 508 -22.51 28.52 -10.99
C TYR A 508 -21.08 29.02 -10.85
N ARG A 509 -20.90 30.27 -10.42
CA ARG A 509 -19.54 30.80 -10.26
C ARG A 509 -18.82 30.08 -9.14
N PHE A 510 -19.53 29.70 -8.07
CA PHE A 510 -18.90 28.94 -6.99
C PHE A 510 -18.42 27.58 -7.48
N ALA A 511 -19.27 26.89 -8.26
CA ALA A 511 -18.86 25.59 -8.81
C ALA A 511 -17.68 25.73 -9.76
N LEU A 512 -17.69 26.77 -10.60
CA LEU A 512 -16.57 27.00 -11.51
C LEU A 512 -15.29 27.27 -10.75
N VAL A 513 -15.36 28.10 -9.70
CA VAL A 513 -14.18 28.40 -8.90
C VAL A 513 -13.67 27.14 -8.22
N GLY A 514 -14.58 26.32 -7.68
CA GLY A 514 -14.15 25.09 -7.02
C GLY A 514 -13.46 24.12 -7.97
N ILE A 515 -14.05 23.93 -9.16
CA ILE A 515 -13.46 23.00 -10.12
C ILE A 515 -12.14 23.54 -10.65
N CYS A 516 -12.04 24.85 -10.84
CA CYS A 516 -10.77 25.43 -11.27
C CYS A 516 -9.70 25.27 -10.21
N SER A 517 -10.05 25.48 -8.94
CA SER A 517 -9.09 25.29 -7.86
C SER A 517 -8.64 23.84 -7.77
N TYR A 518 -9.58 22.89 -7.93
CA TYR A 518 -9.22 21.49 -7.91
C TYR A 518 -8.27 21.14 -9.05
N LEU A 519 -8.56 21.63 -10.26
CA LEU A 519 -7.68 21.37 -11.40
C LEU A 519 -6.30 21.98 -11.19
N VAL A 520 -6.26 23.21 -10.65
CA VAL A 520 -4.98 23.86 -10.39
C VAL A 520 -4.16 23.08 -9.37
N PHE A 521 -4.83 22.60 -8.30
CA PHE A 521 -4.13 21.81 -7.29
C PHE A 521 -3.59 20.52 -7.89
N VAL A 522 -4.39 19.84 -8.71
CA VAL A 522 -3.93 18.59 -9.33
C VAL A 522 -2.73 18.86 -10.23
N SER A 523 -2.82 19.92 -11.05
CA SER A 523 -1.71 20.26 -11.94
C SER A 523 -0.45 20.62 -11.16
N ILE A 524 -0.61 21.35 -10.06
CA ILE A 524 0.54 21.72 -9.24
C ILE A 524 1.20 20.48 -8.64
N VAL A 525 0.40 19.55 -8.13
CA VAL A 525 0.96 18.33 -7.57
C VAL A 525 1.67 17.52 -8.65
N LEU A 526 1.08 17.44 -9.83
CA LEU A 526 1.73 16.72 -10.93
C LEU A 526 3.04 17.37 -11.32
N VAL A 527 3.07 18.71 -11.36
CA VAL A 527 4.28 19.43 -11.75
C VAL A 527 5.38 19.23 -10.70
N ILE A 528 5.04 19.32 -9.41
CA ILE A 528 6.06 19.14 -8.39
C ILE A 528 6.56 17.71 -8.36
N TYR A 529 5.68 16.73 -8.62
CA TYR A 529 6.14 15.36 -8.76
C TYR A 529 7.10 15.21 -9.94
N LEU A 530 6.75 15.83 -11.08
CA LEU A 530 7.58 15.70 -12.28
C LEU A 530 8.96 16.32 -12.06
N ILE A 531 9.01 17.50 -11.43
CA ILE A 531 10.30 18.12 -11.18
C ILE A 531 11.06 17.41 -10.07
N GLY A 532 10.35 16.71 -9.18
CA GLY A 532 11.04 15.92 -8.17
C GLY A 532 11.82 14.76 -8.76
N LYS A 533 11.28 14.14 -9.82
CA LYS A 533 11.98 13.04 -10.46
C LYS A 533 13.30 13.49 -11.07
N ILE A 534 13.31 14.66 -11.71
CA ILE A 534 14.56 15.20 -12.24
C ILE A 534 15.51 15.53 -11.11
N THR A 535 14.99 16.15 -10.04
CA THR A 535 15.81 16.43 -8.87
C THR A 535 16.23 15.16 -8.13
N THR A 536 15.54 14.04 -8.39
CA THR A 536 15.80 12.73 -7.78
C THR A 536 15.55 12.75 -6.28
N TRP A 537 14.84 13.76 -5.78
CA TRP A 537 14.52 13.81 -4.36
C TRP A 537 13.55 12.70 -3.98
N ASN A 538 12.58 12.40 -4.85
CA ASN A 538 11.58 11.39 -4.54
C ASN A 538 12.14 9.97 -4.55
N TYR A 539 13.35 9.77 -5.06
CA TYR A 539 13.96 8.45 -5.06
C TYR A 539 14.26 8.01 -3.64
N THR A 540 13.89 6.77 -3.32
CA THR A 540 14.15 6.25 -1.99
C THR A 540 15.66 6.03 -1.79
N PRO A 541 16.16 6.25 -0.57
CA PRO A 541 17.60 6.06 -0.33
C PRO A 541 18.09 4.64 -0.60
N LEU A 542 17.25 3.63 -0.37
CA LEU A 542 17.68 2.26 -0.56
C LEU A 542 17.92 1.94 -2.03
N GLN A 543 17.06 2.42 -2.92
CA GLN A 543 17.20 2.08 -4.33
C GLN A 543 18.37 2.79 -4.99
N LYS A 544 18.93 3.82 -4.36
CA LYS A 544 20.10 4.49 -4.93
C LYS A 544 21.31 3.57 -4.93
N GLU A 545 21.59 2.92 -3.80
CA GLU A 545 22.71 1.98 -3.76
C GLU A 545 22.44 0.76 -4.63
N LEU A 546 21.18 0.36 -4.77
CA LEU A 546 20.85 -0.77 -5.64
C LEU A 546 21.21 -0.47 -7.09
N ILE A 547 20.78 0.68 -7.60
CA ILE A 547 21.10 1.03 -8.98
C ILE A 547 22.58 1.32 -9.14
N GLU A 548 23.22 1.87 -8.10
CA GLU A 548 24.67 2.10 -8.17
C GLU A 548 25.42 0.78 -8.30
N GLU A 549 25.03 -0.23 -7.52
CA GLU A 549 25.67 -1.54 -7.61
C GLU A 549 25.36 -2.21 -8.94
N ARG A 550 24.13 -2.03 -9.45
CA ARG A 550 23.80 -2.60 -10.75
C ARG A 550 24.65 -1.98 -11.86
N TYR A 551 24.86 -0.66 -11.79
CA TYR A 551 25.74 0.00 -12.76
C TYR A 551 27.17 -0.49 -12.60
N LEU A 552 27.65 -0.62 -11.37
CA LEU A 552 29.00 -1.11 -11.10
C LEU A 552 29.00 -2.63 -11.05
N HIS A 553 28.75 -3.22 -12.21
CA HIS A 553 28.71 -4.68 -12.34
C HIS A 553 30.08 -5.23 -12.72
N VAL B 2 -33.33 30.50 -30.52
CA VAL B 2 -34.51 30.20 -29.71
C VAL B 2 -35.62 31.19 -30.03
N GLN B 3 -36.86 30.69 -30.04
CA GLN B 3 -38.04 31.50 -30.34
C GLN B 3 -38.83 31.71 -29.05
N LEU B 4 -39.14 32.96 -28.74
CA LEU B 4 -39.88 33.33 -27.54
C LEU B 4 -41.24 33.88 -27.93
N VAL B 5 -42.30 33.32 -27.36
CA VAL B 5 -43.67 33.75 -27.61
C VAL B 5 -44.29 34.14 -26.28
N GLU B 6 -44.85 35.34 -26.21
CA GLU B 6 -45.46 35.87 -25.01
C GLU B 6 -46.98 35.79 -25.12
N SER B 7 -47.63 35.28 -24.08
CA SER B 7 -49.07 35.15 -24.04
C SER B 7 -49.57 35.40 -22.62
N GLY B 8 -50.73 36.05 -22.52
CA GLY B 8 -51.34 36.37 -21.26
C GLY B 8 -51.76 37.82 -21.22
N GLY B 9 -51.95 38.34 -20.00
CA GLY B 9 -52.34 39.71 -19.80
C GLY B 9 -53.85 39.90 -19.84
N GLY B 10 -54.26 41.12 -19.54
CA GLY B 10 -55.67 41.45 -19.53
C GLY B 10 -55.91 42.73 -18.75
N LEU B 11 -57.19 43.08 -18.65
CA LEU B 11 -57.63 44.27 -17.95
C LEU B 11 -58.41 43.85 -16.70
N VAL B 12 -57.86 44.15 -15.53
CA VAL B 12 -58.48 43.82 -14.25
C VAL B 12 -58.40 45.04 -13.34
N GLN B 13 -59.08 44.94 -12.20
CA GLN B 13 -59.07 46.01 -11.22
C GLN B 13 -57.76 45.99 -10.43
N ALA B 14 -57.56 47.03 -9.62
CA ALA B 14 -56.36 47.12 -8.79
C ALA B 14 -56.34 46.00 -7.76
N GLY B 15 -55.16 45.42 -7.55
CA GLY B 15 -55.01 44.33 -6.61
C GLY B 15 -55.36 42.97 -7.16
N GLY B 16 -55.67 42.86 -8.46
CA GLY B 16 -56.01 41.59 -9.05
C GLY B 16 -54.79 40.71 -9.31
N SER B 17 -55.06 39.48 -9.71
CA SER B 17 -54.03 38.49 -9.98
C SER B 17 -54.07 38.10 -11.45
N LEU B 18 -52.91 38.13 -12.09
CA LEU B 18 -52.78 37.73 -13.48
C LEU B 18 -51.54 36.84 -13.64
N LYS B 19 -51.56 36.03 -14.69
CA LYS B 19 -50.47 35.12 -15.00
C LYS B 19 -49.97 35.38 -16.41
N VAL B 20 -48.65 35.51 -16.56
CA VAL B 20 -48.01 35.73 -17.85
C VAL B 20 -46.98 34.63 -18.06
N SER B 21 -47.00 34.03 -19.25
CA SER B 21 -46.11 32.94 -19.59
C SER B 21 -45.40 33.24 -20.90
N CYS B 22 -44.11 32.92 -20.96
CA CYS B 22 -43.30 33.11 -22.17
C CYS B 22 -42.95 31.73 -22.71
N ALA B 23 -43.68 31.31 -23.74
CA ALA B 23 -43.42 30.01 -24.36
C ALA B 23 -42.11 30.05 -25.13
N ALA B 24 -41.36 28.96 -25.07
CA ALA B 24 -40.09 28.86 -25.78
C ALA B 24 -39.81 27.40 -26.11
N SER B 25 -38.96 27.20 -27.12
CA SER B 25 -38.60 25.86 -27.55
C SER B 25 -37.22 25.92 -28.21
N GLY B 26 -36.58 24.76 -28.28
CA GLY B 26 -35.27 24.67 -28.89
C GLY B 26 -34.57 23.39 -28.46
N ARG B 27 -33.29 23.31 -28.83
CA ARG B 27 -32.49 22.15 -28.47
C ARG B 27 -32.31 22.04 -26.96
N ALA B 28 -32.04 23.16 -26.31
CA ALA B 28 -31.87 23.20 -24.86
C ALA B 28 -32.56 24.43 -24.30
N PHE B 29 -33.22 24.26 -23.15
CA PHE B 29 -33.94 25.33 -22.50
C PHE B 29 -33.46 25.62 -21.09
N LYS B 30 -33.00 24.59 -20.35
CA LYS B 30 -32.53 24.82 -18.99
C LYS B 30 -31.26 25.65 -18.96
N THR B 31 -30.42 25.53 -20.00
CA THR B 31 -29.19 26.32 -20.05
C THR B 31 -29.49 27.80 -20.21
N TYR B 32 -30.53 28.14 -20.98
CA TYR B 32 -30.87 29.54 -21.20
C TYR B 32 -31.35 30.19 -19.90
N ARG B 33 -31.02 31.47 -19.75
CA ARG B 33 -31.45 32.26 -18.60
C ARG B 33 -32.64 33.11 -19.00
N MET B 34 -33.74 32.99 -18.26
CA MET B 34 -34.98 33.67 -18.58
C MET B 34 -35.19 34.85 -17.64
N ALA B 35 -35.49 36.01 -18.21
CA ALA B 35 -35.75 37.21 -17.44
C ALA B 35 -36.94 37.94 -18.04
N TRP B 36 -37.60 38.76 -17.21
CA TRP B 36 -38.77 39.51 -17.62
C TRP B 36 -38.45 40.99 -17.61
N PHE B 37 -38.81 41.68 -18.69
CA PHE B 37 -38.57 43.12 -18.83
C PHE B 37 -39.89 43.82 -19.13
N ARG B 38 -40.09 44.98 -18.50
CA ARG B 38 -41.27 45.79 -18.72
C ARG B 38 -40.90 47.04 -19.50
N GLN B 39 -41.83 47.52 -20.32
CA GLN B 39 -41.61 48.70 -21.15
C GLN B 39 -42.86 49.57 -21.11
N ALA B 40 -42.68 50.82 -20.69
CA ALA B 40 -43.74 51.82 -20.65
C ALA B 40 -43.48 52.89 -21.69
N PRO B 41 -44.52 53.54 -22.22
CA PRO B 41 -44.30 54.61 -23.21
C PRO B 41 -43.47 55.76 -22.67
N GLY B 42 -43.63 56.10 -21.38
CA GLY B 42 -42.92 57.24 -20.83
C GLY B 42 -41.41 57.03 -20.75
N LYS B 43 -40.99 55.86 -20.31
CA LYS B 43 -39.59 55.57 -20.04
C LYS B 43 -39.09 54.44 -20.95
N GLU B 44 -37.88 53.97 -20.67
CA GLU B 44 -37.29 52.85 -21.41
C GLU B 44 -37.53 51.55 -20.65
N ARG B 45 -36.99 50.46 -21.20
CA ARG B 45 -37.15 49.16 -20.57
C ARG B 45 -36.31 49.07 -19.29
N GLU B 46 -36.88 48.45 -18.27
CA GLU B 46 -36.21 48.28 -16.99
C GLU B 46 -36.36 46.83 -16.51
N PHE B 47 -35.34 46.35 -15.80
CA PHE B 47 -35.36 45.01 -15.26
C PHE B 47 -36.27 44.94 -14.04
N VAL B 48 -37.14 43.93 -14.00
CA VAL B 48 -38.07 43.74 -12.90
C VAL B 48 -37.87 42.39 -12.20
N SER B 49 -37.65 41.32 -12.97
CA SER B 49 -37.46 40.01 -12.37
C SER B 49 -36.73 39.11 -13.37
N GLY B 50 -36.15 38.05 -12.86
CA GLY B 50 -35.44 37.10 -13.70
C GLY B 50 -35.05 35.87 -12.91
N ILE B 51 -34.79 34.80 -13.65
CA ILE B 51 -34.40 33.52 -13.07
C ILE B 51 -33.22 32.96 -13.87
N SER B 52 -32.26 32.37 -13.17
CA SER B 52 -31.07 31.82 -13.80
C SER B 52 -31.30 30.37 -14.18
N ALA B 53 -30.23 29.69 -14.62
CA ALA B 53 -30.34 28.29 -15.00
C ALA B 53 -30.55 27.38 -13.80
N LEU B 54 -30.02 27.76 -12.64
CA LEU B 54 -30.10 26.95 -11.42
C LEU B 54 -31.24 27.38 -10.51
N GLU B 55 -32.34 27.88 -11.09
CA GLU B 55 -33.53 28.27 -10.34
C GLU B 55 -33.22 29.31 -9.26
N THR B 56 -32.35 30.27 -9.57
CA THR B 56 -32.05 31.36 -8.67
C THR B 56 -33.00 32.52 -8.95
N THR B 57 -33.59 33.07 -7.89
CA THR B 57 -34.58 34.13 -8.00
C THR B 57 -33.92 35.49 -7.83
N TYR B 58 -34.18 36.39 -8.78
CA TYR B 58 -33.67 37.75 -8.72
C TYR B 58 -34.83 38.72 -8.89
N TYR B 59 -34.83 39.77 -8.08
CA TYR B 59 -35.91 40.76 -8.09
C TYR B 59 -35.31 42.15 -8.05
N ALA B 60 -36.08 43.12 -8.57
CA ALA B 60 -35.68 44.51 -8.56
C ALA B 60 -36.16 45.16 -7.27
N ASP B 61 -36.09 46.49 -7.20
CA ASP B 61 -36.54 47.21 -6.02
C ASP B 61 -38.04 47.04 -5.83
N SER B 62 -38.45 46.69 -4.61
CA SER B 62 -39.86 46.44 -4.28
C SER B 62 -40.45 45.35 -5.17
N VAL B 63 -39.65 44.32 -5.45
CA VAL B 63 -40.11 43.17 -6.23
C VAL B 63 -39.75 41.90 -5.45
N LYS B 64 -39.03 42.08 -4.35
CA LYS B 64 -38.54 40.93 -3.58
C LYS B 64 -39.71 40.09 -3.06
N GLY B 65 -40.74 40.73 -2.53
CA GLY B 65 -41.92 40.03 -2.08
C GLY B 65 -43.15 40.38 -2.89
N ARG B 66 -43.00 41.37 -3.78
CA ARG B 66 -44.12 41.82 -4.59
C ARG B 66 -44.53 40.77 -5.62
N PHE B 67 -43.56 40.22 -6.34
CA PHE B 67 -43.82 39.27 -7.42
C PHE B 67 -43.00 38.01 -7.20
N THR B 68 -43.49 36.91 -7.78
CA THR B 68 -42.82 35.62 -7.74
C THR B 68 -42.56 35.13 -9.16
N ILE B 69 -41.40 34.51 -9.35
CA ILE B 69 -40.99 34.00 -10.65
C ILE B 69 -40.64 32.52 -10.52
N SER B 70 -41.14 31.72 -11.45
CA SER B 70 -40.87 30.28 -11.43
C SER B 70 -40.83 29.77 -12.87
N ARG B 71 -40.11 28.66 -13.05
CA ARG B 71 -39.97 28.03 -14.35
C ARG B 71 -40.03 26.51 -14.20
N ASP B 72 -40.48 25.85 -15.26
CA ASP B 72 -40.55 24.39 -15.28
C ASP B 72 -40.03 23.89 -16.61
N ASN B 73 -39.38 22.72 -16.58
CA ASN B 73 -38.82 22.11 -17.78
C ASN B 73 -39.77 21.11 -18.44
N THR B 74 -40.96 20.89 -17.87
CA THR B 74 -41.91 19.96 -18.47
C THR B 74 -42.41 20.47 -19.81
N LYS B 75 -42.83 21.73 -19.87
CA LYS B 75 -43.28 22.36 -21.10
C LYS B 75 -42.34 23.44 -21.59
N ASN B 76 -41.19 23.62 -20.93
CA ASN B 76 -40.15 24.55 -21.37
C ASN B 76 -40.68 25.98 -21.48
N THR B 77 -41.42 26.41 -20.45
CA THR B 77 -41.95 27.77 -20.40
C THR B 77 -41.60 28.38 -19.05
N VAL B 78 -41.62 29.71 -19.01
CA VAL B 78 -41.39 30.48 -17.80
C VAL B 78 -42.62 31.33 -17.52
N SER B 79 -43.07 31.33 -16.26
CA SER B 79 -44.29 32.01 -15.86
C SER B 79 -44.01 32.95 -14.69
N LEU B 80 -44.68 34.10 -14.68
CA LEU B 80 -44.56 35.07 -13.62
C LEU B 80 -45.96 35.42 -13.10
N GLN B 81 -46.06 35.67 -11.81
CA GLN B 81 -47.33 35.95 -11.16
C GLN B 81 -47.47 37.44 -10.87
N MET B 82 -48.64 37.99 -11.21
CA MET B 82 -48.95 39.39 -10.97
C MET B 82 -49.70 39.50 -9.66
N ASP B 83 -49.11 40.18 -8.68
CA ASP B 83 -49.70 40.35 -7.36
C ASP B 83 -49.79 41.82 -7.02
N SER B 84 -50.96 42.25 -6.53
CA SER B 84 -51.20 43.64 -6.11
C SER B 84 -50.91 44.62 -7.24
N LEU B 85 -51.66 44.48 -8.33
CA LEU B 85 -51.48 45.34 -9.49
C LEU B 85 -51.94 46.76 -9.18
N LYS B 86 -51.18 47.73 -9.66
CA LYS B 86 -51.48 49.14 -9.50
C LYS B 86 -51.32 49.85 -10.84
N PRO B 87 -52.02 50.97 -11.04
CA PRO B 87 -51.99 51.62 -12.36
C PRO B 87 -50.60 52.03 -12.83
N GLU B 88 -49.70 52.37 -11.92
CA GLU B 88 -48.36 52.78 -12.35
C GLU B 88 -47.54 51.64 -12.92
N ASP B 89 -48.01 50.40 -12.78
CA ASP B 89 -47.30 49.23 -13.31
C ASP B 89 -47.72 48.86 -14.72
N THR B 90 -48.57 49.65 -15.36
CA THR B 90 -49.03 49.36 -16.71
C THR B 90 -47.87 49.50 -17.69
N ALA B 91 -47.40 48.38 -18.21
CA ALA B 91 -46.28 48.38 -19.14
C ALA B 91 -46.33 47.12 -19.99
N VAL B 92 -45.60 47.14 -21.10
CA VAL B 92 -45.51 46.00 -22.00
C VAL B 92 -44.42 45.07 -21.48
N TYR B 93 -44.78 43.80 -21.27
CA TYR B 93 -43.88 42.82 -20.68
C TYR B 93 -43.22 42.00 -21.77
N TYR B 94 -41.90 41.80 -21.63
CA TYR B 94 -41.13 41.02 -22.58
C TYR B 94 -40.31 39.98 -21.84
N CYS B 95 -39.96 38.90 -22.54
CA CYS B 95 -39.13 37.83 -21.99
C CYS B 95 -37.89 37.68 -22.86
N ALA B 96 -36.76 37.39 -22.21
CA ALA B 96 -35.48 37.27 -22.89
C ALA B 96 -34.79 35.98 -22.46
N ALA B 97 -34.01 35.42 -23.39
CA ALA B 97 -33.24 34.20 -23.15
C ALA B 97 -31.78 34.48 -23.44
N ARG B 98 -30.90 34.08 -22.52
CA ARG B 98 -29.47 34.30 -22.66
C ARG B 98 -28.72 33.02 -22.32
N ARG B 99 -27.73 32.68 -23.16
CA ARG B 99 -26.88 31.53 -22.93
C ARG B 99 -25.54 31.93 -22.32
N TYR B 100 -24.82 32.82 -22.97
CA TYR B 100 -23.55 33.33 -22.47
C TYR B 100 -23.71 34.82 -22.15
N GLY B 101 -23.30 35.20 -20.94
CA GLY B 101 -23.42 36.58 -20.51
C GLY B 101 -22.39 36.93 -19.47
N GLY B 102 -22.29 38.23 -19.19
CA GLY B 102 -21.35 38.74 -18.22
C GLY B 102 -21.92 38.77 -16.81
N THR B 103 -21.21 39.46 -15.94
CA THR B 103 -21.64 39.57 -14.54
C THR B 103 -22.97 40.31 -14.42
N ASP B 104 -23.13 41.40 -15.17
CA ASP B 104 -24.34 42.20 -15.07
C ASP B 104 -25.53 41.50 -15.74
N TYR B 105 -26.73 41.81 -15.24
CA TYR B 105 -27.97 41.30 -15.80
C TYR B 105 -29.05 42.36 -15.96
N THR B 106 -28.97 43.47 -15.24
CA THR B 106 -30.00 44.52 -15.36
C THR B 106 -29.91 45.23 -16.70
N THR B 107 -28.72 45.32 -17.28
CA THR B 107 -28.53 46.04 -18.54
C THR B 107 -29.40 45.44 -19.64
N THR B 108 -30.05 46.33 -20.40
CA THR B 108 -30.94 45.88 -21.47
C THR B 108 -30.17 45.14 -22.56
N GLY B 109 -28.97 45.62 -22.91
CA GLY B 109 -28.20 45.02 -23.97
C GLY B 109 -27.49 43.73 -23.61
N SER B 110 -27.53 43.33 -22.34
CA SER B 110 -26.89 42.08 -21.94
C SER B 110 -27.54 40.88 -22.63
N TYR B 111 -28.87 40.88 -22.72
CA TYR B 111 -29.59 39.77 -23.34
C TYR B 111 -29.60 39.94 -24.86
N ASP B 112 -29.22 38.88 -25.58
CA ASP B 112 -29.13 38.91 -27.03
C ASP B 112 -30.40 38.40 -27.71
N TYR B 113 -31.44 38.06 -26.96
CA TYR B 113 -32.69 37.58 -27.53
C TYR B 113 -33.86 38.30 -26.89
N TRP B 114 -34.95 38.41 -27.64
CA TRP B 114 -36.14 39.10 -27.19
C TRP B 114 -37.37 38.38 -27.75
N GLY B 115 -38.55 38.92 -27.41
CA GLY B 115 -39.80 38.34 -27.88
C GLY B 115 -40.76 39.42 -28.33
N GLN B 116 -41.90 38.95 -28.86
CA GLN B 116 -42.93 39.89 -29.33
C GLN B 116 -43.50 40.71 -28.19
N GLY B 117 -43.75 40.07 -27.04
CA GLY B 117 -44.27 40.76 -25.88
C GLY B 117 -45.79 40.71 -25.82
N THR B 118 -46.31 41.05 -24.63
CA THR B 118 -47.73 41.08 -24.37
C THR B 118 -48.10 42.38 -23.68
N GLN B 119 -49.36 42.80 -23.86
CA GLN B 119 -49.84 44.06 -23.33
C GLN B 119 -50.66 43.82 -22.06
N VAL B 120 -50.28 44.48 -20.97
CA VAL B 120 -50.99 44.41 -19.71
C VAL B 120 -51.40 45.83 -19.33
N THR B 121 -52.69 46.04 -19.13
CA THR B 121 -53.23 47.35 -18.83
C THR B 121 -54.15 47.27 -17.60
N VAL B 122 -53.91 48.15 -16.64
CA VAL B 122 -54.74 48.25 -15.44
C VAL B 122 -55.07 49.72 -15.21
N SER B 123 -56.32 50.00 -14.85
CA SER B 123 -56.79 51.36 -14.64
C SER B 123 -57.16 51.64 -13.18
N SER B 124 -58.04 50.84 -12.60
CA SER B 124 -58.47 51.05 -11.23
C SER B 124 -58.88 49.73 -10.57
N VAL C 2 38.56 -12.93 1.59
CA VAL C 2 38.75 -12.07 2.75
C VAL C 2 40.11 -12.36 3.41
N GLN C 3 41.09 -11.50 3.10
CA GLN C 3 42.43 -11.65 3.65
C GLN C 3 42.52 -10.88 4.96
N LEU C 4 43.11 -11.51 5.98
CA LEU C 4 43.25 -10.93 7.30
C LEU C 4 44.73 -10.77 7.63
N VAL C 5 45.11 -9.58 8.08
CA VAL C 5 46.48 -9.29 8.49
C VAL C 5 46.46 -8.59 9.84
N GLU C 6 47.41 -8.93 10.70
CA GLU C 6 47.48 -8.36 12.04
C GLU C 6 48.93 -7.99 12.35
N SER C 7 49.09 -7.04 13.26
CA SER C 7 50.40 -6.58 13.68
C SER C 7 50.42 -6.43 15.19
N GLY C 8 51.63 -6.52 15.77
CA GLY C 8 51.78 -6.38 17.21
C GLY C 8 52.88 -7.27 17.77
N GLY C 9 52.75 -7.63 19.05
CA GLY C 9 53.75 -8.47 19.68
C GLY C 9 54.96 -7.69 20.16
N GLY C 10 55.93 -8.42 20.67
CA GLY C 10 57.16 -7.83 21.18
C GLY C 10 57.58 -8.40 22.51
N LEU C 11 58.13 -7.56 23.37
CA LEU C 11 58.55 -8.01 24.70
C LEU C 11 57.34 -8.39 25.54
N VAL C 12 57.54 -9.39 26.40
CA VAL C 12 56.49 -9.90 27.27
C VAL C 12 56.92 -9.72 28.72
N GLN C 13 55.99 -9.26 29.55
CA GLN C 13 56.24 -9.06 30.97
C GLN C 13 55.09 -9.64 31.77
N ALA C 14 55.38 -10.04 33.02
CA ALA C 14 54.35 -10.60 33.87
C ALA C 14 53.25 -9.59 34.17
N GLY C 15 53.63 -8.35 34.45
CA GLY C 15 52.65 -7.31 34.73
C GLY C 15 52.31 -6.47 33.52
N GLY C 16 53.06 -6.66 32.43
CA GLY C 16 52.80 -5.90 31.23
C GLY C 16 51.57 -6.36 30.49
N SER C 17 51.04 -5.46 29.65
CA SER C 17 49.86 -5.73 28.84
C SER C 17 50.17 -5.40 27.39
N LEU C 18 49.69 -6.26 26.49
CA LEU C 18 49.88 -6.10 25.06
C LEU C 18 48.54 -6.06 24.35
N ARG C 19 48.43 -5.20 23.35
CA ARG C 19 47.20 -5.03 22.58
C ARG C 19 47.45 -5.49 21.15
N LEU C 20 46.53 -6.30 20.62
CA LEU C 20 46.63 -6.84 19.28
C LEU C 20 45.41 -6.46 18.47
N ALA C 21 45.63 -6.09 17.21
CA ALA C 21 44.54 -5.73 16.30
C ALA C 21 44.68 -6.54 15.03
N CYS C 22 43.53 -7.02 14.53
CA CYS C 22 43.49 -7.87 13.34
C CYS C 22 42.63 -7.17 12.29
N ALA C 23 43.26 -6.73 11.20
CA ALA C 23 42.56 -6.04 10.13
C ALA C 23 42.28 -6.99 8.98
N ALA C 24 41.08 -6.87 8.41
CA ALA C 24 40.64 -7.71 7.31
C ALA C 24 40.03 -6.86 6.22
N SER C 25 40.16 -7.32 4.98
CA SER C 25 39.61 -6.64 3.81
C SER C 25 38.47 -7.46 3.24
N GLY C 26 37.33 -6.82 3.03
CA GLY C 26 36.14 -7.45 2.52
C GLY C 26 34.95 -7.12 3.40
N ARG C 27 33.93 -7.98 3.34
CA ARG C 27 32.73 -7.83 4.13
C ARG C 27 32.57 -9.01 5.08
N ILE C 28 32.28 -8.71 6.34
CA ILE C 28 32.12 -9.76 7.35
C ILE C 28 30.80 -10.51 7.18
N PHE C 29 29.80 -9.89 6.54
CA PHE C 29 28.47 -10.42 6.30
C PHE C 29 27.65 -10.58 7.57
N SER C 30 28.15 -10.06 8.70
CA SER C 30 27.43 -10.06 9.98
C SER C 30 27.06 -11.46 10.46
N SER C 31 27.74 -12.49 9.94
CA SER C 31 27.46 -13.86 10.36
C SER C 31 28.72 -14.69 10.51
N ASP C 32 29.90 -14.09 10.45
CA ASP C 32 31.16 -14.82 10.55
C ASP C 32 31.79 -14.59 11.91
N THR C 33 32.25 -15.66 12.54
CA THR C 33 32.86 -15.61 13.86
C THR C 33 34.38 -15.57 13.72
N LEU C 34 35.01 -14.67 14.47
CA LEU C 34 36.46 -14.53 14.46
C LEU C 34 37.04 -15.15 15.72
N ALA C 35 38.06 -15.98 15.55
CA ALA C 35 38.65 -16.72 16.66
C ALA C 35 40.17 -16.57 16.62
N TRP C 36 40.77 -16.61 17.80
CA TRP C 36 42.22 -16.57 17.96
C TRP C 36 42.72 -17.92 18.44
N PHE C 37 44.02 -18.15 18.26
CA PHE C 37 44.67 -19.39 18.67
C PHE C 37 45.98 -19.07 19.38
N ARG C 38 46.25 -19.81 20.45
CA ARG C 38 47.39 -19.50 21.30
C ARG C 38 48.71 -19.78 20.60
N ARG C 39 48.85 -20.96 19.99
CA ARG C 39 50.12 -21.41 19.44
C ARG C 39 49.93 -21.85 17.99
N ALA C 40 51.04 -21.88 17.26
CA ALA C 40 51.02 -22.30 15.87
C ALA C 40 50.62 -23.78 15.77
N PRO C 41 49.95 -24.17 14.70
CA PRO C 41 49.51 -25.56 14.55
C PRO C 41 50.60 -26.55 14.18
N GLY C 42 51.88 -26.15 14.27
CA GLY C 42 52.95 -27.08 13.94
C GLY C 42 53.00 -28.27 14.87
N LYS C 43 52.91 -28.02 16.18
CA LYS C 43 52.91 -29.09 17.17
C LYS C 43 51.64 -29.11 18.01
N GLU C 44 51.24 -27.97 18.58
CA GLU C 44 50.06 -27.90 19.43
C GLU C 44 49.35 -26.57 19.21
N ARG C 45 48.03 -26.63 19.07
CA ARG C 45 47.20 -25.43 18.93
C ARG C 45 45.97 -25.59 19.80
N GLU C 46 45.53 -24.48 20.39
CA GLU C 46 44.39 -24.50 21.30
C GLU C 46 43.55 -23.24 21.12
N PHE C 47 42.27 -23.35 21.46
CA PHE C 47 41.35 -22.23 21.39
C PHE C 47 41.48 -21.36 22.64
N VAL C 48 41.36 -20.04 22.47
CA VAL C 48 41.49 -19.08 23.56
C VAL C 48 40.25 -18.19 23.67
N ALA C 49 39.81 -17.61 22.56
CA ALA C 49 38.68 -16.68 22.61
C ALA C 49 38.10 -16.51 21.22
N ALA C 50 36.81 -16.20 21.18
CA ALA C 50 36.11 -15.90 19.94
C ALA C 50 34.83 -15.17 20.28
N SER C 51 34.24 -14.54 19.26
CA SER C 51 32.99 -13.81 19.42
C SER C 51 32.36 -13.60 18.05
N ARG C 52 31.07 -13.85 17.94
CA ARG C 52 30.36 -13.62 16.70
C ARG C 52 30.29 -12.12 16.40
N TRP C 53 30.34 -11.79 15.11
CA TRP C 53 30.31 -10.39 14.70
C TRP C 53 29.01 -9.72 15.11
N SER C 54 27.89 -10.45 15.01
CA SER C 54 26.60 -9.89 15.41
C SER C 54 26.57 -9.55 16.89
N GLY C 55 27.10 -10.43 17.72
CA GLY C 55 27.11 -10.19 19.16
C GLY C 55 27.58 -11.42 19.90
N GLY C 56 27.55 -11.30 21.23
CA GLY C 56 27.98 -12.38 22.10
C GLY C 56 29.49 -12.45 22.24
N GLY C 57 29.93 -13.47 22.97
CA GLY C 57 31.34 -13.67 23.20
C GLY C 57 31.61 -15.03 23.78
N THR C 58 32.86 -15.47 23.63
CA THR C 58 33.30 -16.77 24.13
C THR C 58 34.73 -16.66 24.61
N ASP C 59 35.01 -17.25 25.76
CA ASP C 59 36.35 -17.22 26.35
C ASP C 59 36.76 -18.65 26.72
N TYR C 60 38.08 -18.85 26.76
CA TYR C 60 38.67 -20.14 27.09
C TYR C 60 38.16 -21.25 26.17
N LYS C 65 37.55 -17.38 32.22
CA LYS C 65 38.82 -16.67 32.16
C LYS C 65 38.67 -15.25 32.71
N GLY C 66 38.21 -14.34 31.86
CA GLY C 66 38.05 -12.95 32.24
C GLY C 66 39.24 -12.07 31.99
N ARG C 67 40.40 -12.64 31.64
CA ARG C 67 41.59 -11.85 31.36
C ARG C 67 41.64 -11.36 29.92
N PHE C 68 40.77 -11.85 29.04
CA PHE C 68 40.73 -11.46 27.65
C PHE C 68 39.51 -10.58 27.39
N THR C 69 39.72 -9.45 26.72
CA THR C 69 38.66 -8.52 26.40
C THR C 69 38.46 -8.48 24.89
N PHE C 70 37.20 -8.54 24.45
CA PHE C 70 36.85 -8.54 23.04
C PHE C 70 36.15 -7.23 22.71
N SER C 71 36.65 -6.54 21.68
CA SER C 71 36.08 -5.28 21.24
C SER C 71 35.92 -5.31 19.72
N ARG C 72 34.77 -4.80 19.25
CA ARG C 72 34.46 -4.73 17.83
C ARG C 72 34.14 -3.29 17.46
N ASP C 73 34.83 -2.77 16.44
CA ASP C 73 34.57 -1.40 16.01
C ASP C 73 33.26 -1.30 15.24
N ASN C 74 32.94 -2.30 14.42
CA ASN C 74 31.72 -2.39 13.64
C ASN C 74 31.59 -1.25 12.62
N THR C 75 32.64 -0.46 12.42
CA THR C 75 32.62 0.64 11.46
C THR C 75 33.63 0.45 10.33
N ARG C 76 34.88 0.19 10.65
CA ARG C 76 35.94 -0.01 9.66
C ARG C 76 36.35 -1.48 9.58
N ASN C 77 35.39 -2.37 9.81
CA ASN C 77 35.50 -3.82 9.67
C ASN C 77 36.78 -4.43 10.23
N THR C 78 37.30 -3.85 11.31
CA THR C 78 38.44 -4.41 12.02
C THR C 78 38.09 -4.57 13.49
N MET C 79 38.85 -5.42 14.16
CA MET C 79 38.63 -5.73 15.57
C MET C 79 39.96 -5.68 16.32
N CYS C 80 39.88 -5.42 17.62
CA CYS C 80 41.05 -5.31 18.47
C CYS C 80 40.91 -6.25 19.67
N LEU C 81 42.02 -6.87 20.06
CA LEU C 81 42.06 -7.80 21.18
C LEU C 81 43.10 -7.31 22.19
N GLU C 82 42.70 -7.27 23.46
CA GLU C 82 43.58 -6.80 24.53
C GLU C 82 43.68 -7.87 25.61
N MET C 83 44.90 -8.10 26.10
CA MET C 83 45.16 -9.07 27.14
C MET C 83 45.93 -8.42 28.28
N ASN C 84 45.71 -8.92 29.49
CA ASN C 84 46.35 -8.40 30.68
C ASN C 84 46.95 -9.55 31.49
N SER C 85 47.99 -9.22 32.26
CA SER C 85 48.71 -10.18 33.10
C SER C 85 49.19 -11.38 32.27
N LEU C 86 50.02 -11.07 31.27
CA LEU C 86 50.53 -12.11 30.37
C LEU C 86 51.49 -13.03 31.11
N LYS C 87 51.48 -14.30 30.73
CA LYS C 87 52.36 -15.31 31.30
C LYS C 87 53.43 -15.71 30.29
N PRO C 88 54.60 -16.17 30.75
CA PRO C 88 55.64 -16.59 29.79
C PRO C 88 55.19 -17.70 28.86
N GLU C 89 54.38 -18.64 29.35
CA GLU C 89 53.85 -19.69 28.49
C GLU C 89 52.66 -19.23 27.66
N ASP C 90 52.01 -18.14 28.05
CA ASP C 90 50.83 -17.66 27.33
C ASP C 90 51.21 -16.97 26.02
N THR C 91 52.31 -16.22 26.01
CA THR C 91 52.69 -15.46 24.83
C THR C 91 53.21 -16.39 23.74
N ALA C 92 52.69 -16.21 22.53
CA ALA C 92 53.06 -17.00 21.36
C ALA C 92 52.48 -16.30 20.13
N VAL C 93 52.57 -16.96 18.98
CA VAL C 93 52.09 -16.40 17.72
C VAL C 93 50.57 -16.52 17.67
N TYR C 94 49.93 -15.52 17.05
CA TYR C 94 48.48 -15.50 16.89
C TYR C 94 48.14 -15.41 15.41
N TYR C 95 46.93 -15.87 15.07
CA TYR C 95 46.49 -15.91 13.68
C TYR C 95 45.21 -15.14 13.41
N CYS C 96 44.36 -14.91 14.41
CA CYS C 96 43.07 -14.24 14.28
C CYS C 96 42.32 -14.72 13.03
N ALA C 97 42.07 -16.03 13.00
CA ALA C 97 41.42 -16.66 11.87
C ALA C 97 39.94 -16.31 11.81
N LEU C 98 39.32 -16.58 10.66
CA LEU C 98 37.92 -16.31 10.43
C LEU C 98 37.24 -17.55 9.86
N ARG C 99 35.97 -17.73 10.23
CA ARG C 99 35.18 -18.87 9.78
C ARG C 99 33.97 -18.36 9.00
N THR C 100 33.73 -18.96 7.84
CA THR C 100 32.57 -18.59 7.02
C THR C 100 31.33 -19.33 7.47
N ALA C 101 30.18 -18.66 7.33
CA ALA C 101 28.90 -19.22 7.71
C ALA C 101 28.17 -19.88 6.54
N ARG C 102 28.81 -19.97 5.37
CA ARG C 102 28.15 -20.59 4.22
C ARG C 102 27.88 -22.08 4.46
N ASP C 103 28.82 -22.77 5.11
CA ASP C 103 28.65 -24.20 5.33
C ASP C 103 27.56 -24.47 6.37
N SER C 104 27.73 -23.94 7.58
CA SER C 104 26.76 -24.17 8.65
C SER C 104 26.83 -23.01 9.64
N TYR C 105 25.76 -22.86 10.42
CA TYR C 105 25.67 -21.83 11.44
C TYR C 105 26.05 -22.31 12.84
N TYR C 106 26.31 -23.60 13.01
CA TYR C 106 26.64 -24.13 14.32
C TYR C 106 28.06 -23.73 14.73
N TYR C 107 28.28 -23.69 16.04
CA TYR C 107 29.58 -23.35 16.61
C TYR C 107 30.48 -24.59 16.53
N THR C 108 31.23 -24.69 15.43
CA THR C 108 32.06 -25.87 15.22
C THR C 108 33.18 -25.98 16.24
N ARG C 109 33.84 -24.85 16.54
CA ARG C 109 34.93 -24.77 17.52
C ARG C 109 36.16 -25.53 17.04
N ASN C 110 36.07 -26.18 15.89
CA ASN C 110 37.17 -26.96 15.34
C ASN C 110 38.01 -26.09 14.41
N PRO C 111 39.32 -25.99 14.65
CA PRO C 111 40.17 -25.20 13.73
C PRO C 111 40.17 -25.72 12.31
N THR C 112 39.88 -27.00 12.11
CA THR C 112 39.82 -27.55 10.75
C THR C 112 38.72 -26.88 9.94
N GLY C 113 37.56 -26.63 10.56
CA GLY C 113 36.47 -25.99 9.85
C GLY C 113 36.79 -24.59 9.37
N TYR C 114 37.62 -23.87 10.13
CA TYR C 114 38.02 -22.52 9.72
C TYR C 114 38.80 -22.58 8.41
N ASP C 115 38.46 -21.67 7.50
CA ASP C 115 39.08 -21.61 6.18
C ASP C 115 39.97 -20.40 5.98
N TYR C 116 39.52 -19.22 6.40
CA TYR C 116 40.30 -18.00 6.25
C TYR C 116 41.32 -17.91 7.37
N TRP C 117 42.60 -17.98 7.02
CA TRP C 117 43.70 -17.96 7.98
C TRP C 117 44.57 -16.73 7.74
N GLY C 118 44.81 -15.96 8.80
CA GLY C 118 45.68 -14.81 8.69
C GLY C 118 47.14 -15.17 8.85
N GLN C 119 48.00 -14.20 8.51
CA GLN C 119 49.44 -14.40 8.64
C GLN C 119 49.83 -14.46 10.12
N GLY C 120 50.63 -15.46 10.47
CA GLY C 120 51.02 -15.65 11.86
C GLY C 120 52.04 -14.60 12.28
N THR C 121 51.65 -13.72 13.21
CA THR C 121 52.55 -12.72 13.76
C THR C 121 52.50 -12.80 15.28
N GLN C 122 53.64 -12.65 15.92
CA GLN C 122 53.73 -12.71 17.38
C GLN C 122 53.06 -11.48 18.00
CAA Y01 D . -12.15 14.41 -21.39
CBA Y01 D . -13.54 14.25 -20.76
CAB Y01 D . -14.55 15.10 -21.56
CAN Y01 D . -13.56 14.57 -19.22
CAJ Y01 D . -13.89 13.37 -18.25
CAO Y01 D . -14.16 13.70 -16.74
CBB Y01 D . -14.10 12.49 -15.71
CAC Y01 D . -13.86 11.16 -16.45
CBE Y01 D . -13.02 12.64 -14.53
CAP Y01 D . -12.76 14.11 -14.12
CAQ Y01 D . -12.35 14.08 -12.60
CBG Y01 D . -12.49 12.62 -12.03
CBI Y01 D . -13.45 12.00 -13.12
CAE Y01 D . -14.88 12.47 -12.89
CAU Y01 D . -13.50 10.49 -12.89
CAS Y01 D . -14.02 10.12 -11.46
CBF Y01 D . -13.22 10.73 -10.27
CBD Y01 D . -12.98 12.28 -10.50
CAK Y01 D . -12.11 12.84 -9.32
CAI Y01 D . -12.39 12.20 -7.92
CAZ Y01 D . -13.12 11.14 -7.64
CAV Y01 D . -13.46 10.41 -6.24
CBH Y01 D . -13.84 10.37 -8.79
CAD Y01 D . -15.26 10.96 -8.71
CAT Y01 D . -13.98 8.81 -8.57
CAR Y01 D . -14.45 8.31 -7.17
CBC Y01 D . -13.48 8.81 -6.08
OAW Y01 D . -13.89 8.29 -4.77
CAY Y01 D . -12.96 8.23 -3.69
OAG Y01 D . -12.52 9.30 -3.33
CAM Y01 D . -12.52 6.89 -2.98
CAL Y01 D . -11.44 7.06 -1.86
CAX Y01 D . -10.70 5.73 -1.39
OAH Y01 D . -11.27 5.02 -0.53
OAF Y01 D . -9.58 5.48 -1.89
MN MN E . 11.02 -9.83 -9.23
P 3PE F . -19.44 33.98 -26.88
N 3PE F . -20.80 37.76 -25.42
O11 3PE F . -18.31 33.16 -26.01
O12 3PE F . -18.87 34.10 -28.25
O13 3PE F . -19.41 35.46 -26.13
O14 3PE F . -20.80 33.44 -26.59
C11 3PE F . -19.84 35.58 -24.79
C12 3PE F . -19.94 37.04 -24.46
C1 3PE F . -18.70 32.05 -25.23
C2 3PE F . -17.53 31.62 -24.36
C3 3PE F . -16.72 32.82 -23.91
O31 3PE F . -15.97 32.41 -22.77
O32 3PE F . -16.24 34.40 -21.81
C31 3PE F . -15.80 33.27 -21.77
C32 3PE F . -15.01 32.67 -20.65
C33 3PE F . -15.61 31.39 -20.10
C34 3PE F . -14.66 30.72 -19.10
C35 3PE F . -15.19 29.40 -18.57
C36 3PE F . -14.20 28.70 -17.65
C37 3PE F . -12.87 28.37 -18.34
C38 3PE F . -11.71 28.24 -17.35
C39 3PE F . -11.45 29.51 -16.56
C3A 3PE F . -10.18 29.43 -15.72
C3B 3PE F . -8.92 29.19 -16.53
C3C 3PE F . -7.70 28.89 -15.67
C3D 3PE F . -7.13 27.50 -15.87
C3E 3PE F . -8.09 26.40 -15.47
C3F 3PE F . -7.65 25.01 -15.90
C3G 3PE F . -6.26 24.65 -15.40
C3H 3PE F . -5.78 23.28 -15.88
C3I 3PE F . -4.37 22.96 -15.42
O21 3PE F . -17.94 30.97 -23.16
O22 3PE F . -18.11 28.95 -24.08
C21 3PE F . -18.06 29.66 -23.10
C22 3PE F . -18.12 29.18 -21.68
C23 3PE F . -18.27 27.68 -21.52
C24 3PE F . -17.85 27.22 -20.12
C25 3PE F . -18.17 25.77 -19.83
C26 3PE F . -17.43 25.23 -18.62
C27 3PE F . -17.90 23.86 -18.15
C28 3PE F . -19.16 23.93 -17.29
C29 3PE F . -19.60 22.58 -16.75
C2A 3PE F . -18.48 21.80 -16.07
C2B 3PE F . -18.91 20.44 -15.55
C2C 3PE F . -17.74 19.53 -15.21
C2D 3PE F . -18.16 18.15 -14.71
C2E 3PE F . -17.03 17.13 -14.74
C2F 3PE F . -17.45 15.74 -14.26
C2G 3PE F . -17.58 15.64 -12.75
C2H 3PE F . -18.03 14.26 -12.29
C2I 3PE F . -17.80 14.03 -10.80
#